data_8BOW
#
_entry.id   8BOW
#
_cell.length_a   101.281
_cell.length_b   130.000
_cell.length_c   159.492
_cell.angle_alpha   90.00
_cell.angle_beta   90.00
_cell.angle_gamma   90.00
#
_symmetry.space_group_name_H-M   'I 2 2 2'
#
loop_
_entity.id
_entity.type
_entity.pdbx_description
1 polymer 'Glutamate carboxypeptidase 2'
2 branched beta-D-mannopyranose-(1-4)-2-acetamido-2-deoxy-beta-D-glucopyranose-(1-4)-2-acetamido-2-deoxy-beta-D-glucopyranose
3 branched alpha-D-mannopyranose-(1-3)-[alpha-D-mannopyranose-(1-6)]beta-D-mannopyranose-(1-4)-2-acetamido-2-deoxy-beta-D-glucopyranose-(1-4)-2-acetamido-2-deoxy-beta-D-glucopyranose
4 branched 2-acetamido-2-deoxy-beta-D-glucopyranose-(1-4)-2-acetamido-2-deoxy-beta-D-glucopyranose
5 branched beta-D-mannopyranose-(1-4)-2-acetamido-2-deoxy-beta-D-glucopyranose-(1-4)-[alpha-L-fucopyranose-(1-6)]2-acetamido-2-deoxy-beta-D-glucopyranose
6 non-polymer 'ZINC ION'
7 non-polymer 'CALCIUM ION'
8 non-polymer 'CHLORIDE ION'
9 non-polymer 2-acetamido-2-deoxy-beta-D-glucopyranose
10 non-polymer '(2~{S})-2-[[(2~{S})-6-[[(2~{S})-3-naphthalen-2-yl-2-[[4-[[2-[(11~{Z})-4,7,10-tris(2-hydroxy-2-oxoethyl)-1,4,7,10-tetrazacyclododec-11-en-1-yl]ethanoylamino]methyl]cyclohexyl]carbonylamino]propanoyl]amino]-1-oxidanyl-1-oxidanylidene-hexan-2-yl]carbamoylamino]pentanedioic acid'
11 water water
#
_entity_poly.entity_id   1
_entity_poly.type   'polypeptide(L)'
_entity_poly.pdbx_seq_one_letter_code
;KSSNEATNITPKHNMKAFLDELKAENIKKFLYNFTQIPHLAGTEQNFQLAKQIQSQWKEFGLDSVELAHYDVLLSYPNKT
HPNYISIINEDGNEIFNTSLFEPPPPGYENVSDIVPPFSAFSPQGMPEGDLVYVNYARTEDFFKLERDMKINCSGKIVIA
RYGKVFRGNKVKNAQLAGAKGVILYSDPADYFAPGVKSYPDGWNLPGGGVQRGNILNLNGAGDPLTPGYPANEYAYRRGI
AEAVGLPSIPVHPIGYYDAQKLLEKMGGSAPPDSSWRGSLKVPYNVGPGFTGNFSTQKVKMHIHSTNEVTRIYNVIGTLR
GAVEPDRYVILGGHRDSWVFGGIDPQSGAAVVHEIVRSFGTLKKEGWRPRRTILFASWDAEEFGLLGSTEWAEENSRLLQ
ERGVAYINADSSIEGNYTLRVDCTPLMYSLVHNLTKELKSPDEGFEGKSLYESWTKKSPSPEFSGMPRISKLGSGNDFEV
FFQRLGIASGRARYTKNWETNKFSGYPLYHSVYETYELVEKFYDPMFKYHLTVAQVRGGMVFELANSIVLPFDCRDYAVV
LRKYADKIYSISMKHPQEMKTYSVSFDSLFSAVKNFTEIASKFSERLQDFDKSNPIVLRMMNDQLMFLERAFIDPLGLPD
RPFYRHVIYAPSSHNKYAGESFPGIYDALFDIESKVDPSKAWGEVKRQIYVAAFTVQAAAETLSEVA
;
_entity_poly.pdbx_strand_id   A
#
# COMPACT_ATOMS: atom_id res chain seq x y z
N HIS A 13 5.15 -21.70 -27.59
CA HIS A 13 4.48 -21.22 -26.34
C HIS A 13 5.45 -21.05 -25.19
N ASN A 14 6.13 -19.92 -25.19
CA ASN A 14 7.11 -19.57 -24.18
C ASN A 14 6.77 -18.17 -23.65
N MET A 15 7.65 -17.59 -22.85
CA MET A 15 7.35 -16.27 -22.29
C MET A 15 7.27 -15.22 -23.39
N LYS A 16 8.17 -15.30 -24.37
CA LYS A 16 8.17 -14.37 -25.50
C LYS A 16 6.79 -14.32 -26.19
N ALA A 17 6.20 -15.50 -26.43
CA ALA A 17 4.85 -15.59 -27.02
C ALA A 17 3.83 -14.83 -26.16
N PHE A 18 3.86 -15.10 -24.85
CA PHE A 18 3.00 -14.37 -23.90
C PHE A 18 3.21 -12.85 -24.00
N LEU A 19 4.47 -12.42 -23.90
CA LEU A 19 4.81 -11.00 -23.86
C LEU A 19 4.42 -10.27 -25.14
N ASP A 20 4.69 -10.89 -26.28
CA ASP A 20 4.40 -10.28 -27.59
C ASP A 20 2.93 -10.05 -27.84
N GLU A 21 2.08 -10.87 -27.22
CA GLU A 21 0.65 -10.78 -27.39
C GLU A 21 0.03 -9.54 -26.70
N LEU A 22 0.72 -9.02 -25.67
CA LEU A 22 0.28 -7.84 -24.90
C LEU A 22 0.36 -6.61 -25.82
N LYS A 23 -0.72 -5.82 -25.82
N LYS A 23 -0.70 -5.82 -25.85
CA LYS A 23 -0.82 -4.65 -26.71
CA LYS A 23 -0.74 -4.64 -26.72
C LYS A 23 -1.12 -3.37 -25.93
C LYS A 23 -1.12 -3.39 -25.96
N ALA A 24 -0.32 -2.33 -26.14
CA ALA A 24 -0.59 -0.99 -25.58
C ALA A 24 -1.99 -0.49 -25.94
N GLU A 25 -2.42 -0.74 -27.18
CA GLU A 25 -3.73 -0.30 -27.65
C GLU A 25 -4.90 -0.92 -26.89
N ASN A 26 -4.74 -2.20 -26.51
CA ASN A 26 -5.72 -2.88 -25.70
C ASN A 26 -5.81 -2.32 -24.29
N ILE A 27 -4.66 -2.04 -23.69
CA ILE A 27 -4.63 -1.46 -22.34
C ILE A 27 -5.38 -0.12 -22.38
N LYS A 28 -5.13 0.66 -23.44
CA LYS A 28 -5.77 1.98 -23.61
C LYS A 28 -7.29 1.86 -23.68
N LYS A 29 -7.77 0.95 -24.53
CA LYS A 29 -9.20 0.68 -24.69
C LYS A 29 -9.85 0.22 -23.39
N PHE A 30 -9.16 -0.67 -22.67
CA PHE A 30 -9.70 -1.11 -21.37
C PHE A 30 -9.74 0.03 -20.34
N LEU A 31 -8.68 0.83 -20.29
CA LEU A 31 -8.65 1.96 -19.36
C LEU A 31 -9.83 2.90 -19.63
N TYR A 32 -9.99 3.29 -20.90
CA TYR A 32 -11.17 4.05 -21.28
C TYR A 32 -12.47 3.40 -20.81
N ASN A 33 -12.61 2.10 -21.07
CA ASN A 33 -13.81 1.38 -20.70
C ASN A 33 -14.12 1.38 -19.19
N PHE A 34 -13.07 1.41 -18.37
CA PHE A 34 -13.21 1.26 -16.91
C PHE A 34 -13.38 2.58 -16.16
N THR A 35 -13.32 3.72 -16.89
CA THR A 35 -13.17 5.01 -16.23
C THR A 35 -14.23 6.07 -16.62
N GLN A 36 -15.29 5.62 -17.29
N GLN A 36 -15.29 5.65 -17.31
CA GLN A 36 -16.38 6.53 -17.76
CA GLN A 36 -16.32 6.61 -17.72
C GLN A 36 -17.38 6.94 -16.68
C GLN A 36 -17.30 7.01 -16.61
N ILE A 37 -17.52 6.11 -15.65
CA ILE A 37 -18.44 6.35 -14.53
C ILE A 37 -17.69 5.96 -13.26
N PRO A 38 -18.10 6.50 -12.08
CA PRO A 38 -17.47 6.10 -10.81
C PRO A 38 -17.77 4.63 -10.53
N HIS A 39 -16.81 3.98 -9.86
CA HIS A 39 -16.99 2.58 -9.42
C HIS A 39 -16.69 2.44 -7.93
N LEU A 40 -17.40 3.24 -7.14
CA LEU A 40 -17.25 3.22 -5.67
C LEU A 40 -17.65 1.86 -5.11
N ALA A 41 -16.84 1.35 -4.18
CA ALA A 41 -17.17 0.07 -3.54
C ALA A 41 -18.56 0.11 -2.90
N GLY A 42 -19.29 -0.97 -3.12
CA GLY A 42 -20.61 -1.19 -2.54
C GLY A 42 -21.71 -0.57 -3.38
N THR A 43 -21.35 0.06 -4.50
CA THR A 43 -22.39 0.67 -5.35
C THR A 43 -22.76 -0.25 -6.51
N GLU A 44 -23.95 0.00 -7.07
CA GLU A 44 -24.43 -0.82 -8.17
C GLU A 44 -23.49 -0.80 -9.36
N GLN A 45 -22.89 0.36 -9.63
CA GLN A 45 -22.00 0.52 -10.78
C GLN A 45 -20.78 -0.38 -10.66
N ASN A 46 -20.31 -0.58 -9.43
CA ASN A 46 -19.15 -1.44 -9.26
C ASN A 46 -19.48 -2.94 -9.30
N PHE A 47 -20.73 -3.28 -8.94
CA PHE A 47 -21.25 -4.65 -9.11
C PHE A 47 -21.38 -4.91 -10.61
N GLN A 48 -21.93 -3.94 -11.36
CA GLN A 48 -21.98 -4.12 -12.82
C GLN A 48 -20.64 -4.31 -13.50
N LEU A 49 -19.62 -3.55 -13.06
CA LEU A 49 -18.30 -3.72 -13.64
C LEU A 49 -17.74 -5.10 -13.25
N ALA A 50 -17.95 -5.52 -12.00
CA ALA A 50 -17.60 -6.89 -11.60
C ALA A 50 -18.17 -7.97 -12.55
N LYS A 51 -19.46 -7.87 -12.83
CA LYS A 51 -20.11 -8.80 -13.76
C LYS A 51 -19.54 -8.73 -15.18
N GLN A 52 -19.20 -7.52 -15.62
CA GLN A 52 -18.52 -7.35 -16.91
C GLN A 52 -17.16 -8.05 -16.97
N ILE A 53 -16.32 -7.81 -15.94
CA ILE A 53 -15.00 -8.42 -15.87
C ILE A 53 -15.14 -9.95 -15.85
N GLN A 54 -16.07 -10.44 -15.05
CA GLN A 54 -16.34 -11.89 -14.97
C GLN A 54 -16.64 -12.46 -16.36
N SER A 55 -17.57 -11.82 -17.07
N SER A 55 -17.57 -11.83 -17.08
CA SER A 55 -17.93 -12.22 -18.44
CA SER A 55 -17.94 -12.24 -18.43
C SER A 55 -16.75 -12.21 -19.39
C SER A 55 -16.75 -12.22 -19.40
N GLN A 56 -15.96 -11.15 -19.37
CA GLN A 56 -14.80 -11.01 -20.27
C GLN A 56 -13.69 -12.01 -19.97
N TRP A 57 -13.39 -12.21 -18.69
CA TRP A 57 -12.40 -13.22 -18.34
C TRP A 57 -12.84 -14.63 -18.78
N LYS A 58 -14.14 -14.92 -18.73
CA LYS A 58 -14.66 -16.21 -19.27
C LYS A 58 -14.40 -16.25 -20.78
N GLU A 59 -14.81 -15.20 -21.48
N GLU A 59 -14.78 -15.21 -21.50
CA GLU A 59 -14.59 -15.02 -22.93
CA GLU A 59 -14.57 -15.16 -22.95
C GLU A 59 -13.11 -15.19 -23.27
C GLU A 59 -13.09 -15.13 -23.34
N PHE A 60 -12.23 -14.58 -22.48
CA PHE A 60 -10.78 -14.59 -22.72
C PHE A 60 -10.16 -16.00 -22.61
N GLY A 61 -10.88 -16.89 -21.93
CA GLY A 61 -10.55 -18.32 -21.92
C GLY A 61 -10.18 -18.94 -20.57
N LEU A 62 -10.38 -18.21 -19.47
CA LEU A 62 -10.09 -18.80 -18.15
C LEU A 62 -10.99 -20.00 -17.87
N ASP A 63 -10.48 -20.96 -17.09
CA ASP A 63 -11.25 -22.16 -16.79
C ASP A 63 -12.51 -21.93 -15.97
N SER A 64 -12.42 -21.08 -14.96
CA SER A 64 -13.60 -20.70 -14.21
C SER A 64 -13.39 -19.25 -13.77
N VAL A 65 -14.50 -18.54 -13.66
CA VAL A 65 -14.47 -17.17 -13.18
C VAL A 65 -15.70 -16.99 -12.30
N GLU A 66 -15.47 -16.78 -11.01
CA GLU A 66 -16.58 -16.65 -10.07
C GLU A 66 -16.53 -15.31 -9.34
N LEU A 67 -17.68 -14.88 -8.81
CA LEU A 67 -17.72 -13.77 -7.87
C LEU A 67 -17.68 -14.32 -6.47
N ALA A 68 -16.85 -13.72 -5.63
CA ALA A 68 -16.83 -14.06 -4.20
C ALA A 68 -17.26 -12.78 -3.49
N HIS A 69 -18.39 -12.84 -2.81
CA HIS A 69 -18.96 -11.67 -2.19
C HIS A 69 -18.89 -11.77 -0.66
N TYR A 70 -18.89 -10.62 -0.01
CA TYR A 70 -18.77 -10.47 1.45
C TYR A 70 -19.60 -9.27 1.81
N ASP A 71 -20.05 -9.24 3.05
CA ASP A 71 -20.80 -8.09 3.58
C ASP A 71 -19.96 -7.43 4.64
N VAL A 72 -19.41 -6.26 4.28
CA VAL A 72 -18.38 -5.60 5.11
C VAL A 72 -18.80 -4.18 5.49
N LEU A 73 -18.18 -3.65 6.55
CA LEU A 73 -18.48 -2.27 6.96
C LEU A 73 -17.86 -1.30 5.99
N LEU A 74 -18.71 -0.49 5.34
CA LEU A 74 -18.26 0.61 4.47
C LEU A 74 -18.76 1.93 5.07
N SER A 75 -18.45 3.04 4.41
CA SER A 75 -18.75 4.38 4.97
C SER A 75 -19.07 5.31 3.83
N TYR A 76 -20.16 6.08 3.97
CA TYR A 76 -20.59 6.99 2.91
C TYR A 76 -21.11 8.28 3.50
N PRO A 77 -20.92 9.39 2.79
CA PRO A 77 -21.57 10.63 3.23
C PRO A 77 -23.08 10.51 3.18
N ASN A 78 -23.77 11.33 3.97
CA ASN A 78 -25.22 11.42 3.89
C ASN A 78 -25.58 12.41 2.77
N LYS A 79 -26.22 11.90 1.71
CA LYS A 79 -26.59 12.68 0.51
C LYS A 79 -27.47 13.90 0.78
N THR A 80 -28.30 13.84 1.82
CA THR A 80 -29.19 14.98 2.15
C THR A 80 -28.72 15.80 3.36
N HIS A 81 -27.51 15.56 3.82
CA HIS A 81 -26.99 16.21 5.00
C HIS A 81 -25.47 16.34 4.85
N PRO A 82 -25.00 17.26 3.98
CA PRO A 82 -23.59 17.26 3.55
C PRO A 82 -22.58 17.59 4.62
N ASN A 83 -21.37 17.03 4.46
CA ASN A 83 -20.26 17.32 5.33
C ASN A 83 -19.60 18.64 4.95
N TYR A 84 -19.26 19.44 5.96
CA TYR A 84 -18.55 20.71 5.70
C TYR A 84 -17.95 21.25 6.98
N ILE A 85 -17.05 22.23 6.81
CA ILE A 85 -16.40 22.88 7.95
C ILE A 85 -16.70 24.38 7.86
N SER A 86 -16.83 25.02 9.02
CA SER A 86 -17.08 26.46 9.11
C SER A 86 -16.09 27.19 9.97
N ILE A 87 -15.85 28.47 9.64
CA ILE A 87 -15.43 29.42 10.68
C ILE A 87 -16.73 30.05 11.21
N ILE A 88 -16.88 29.99 12.52
CA ILE A 88 -18.08 30.44 13.23
C ILE A 88 -17.69 31.61 14.16
N ASN A 89 -18.49 32.69 14.16
CA ASN A 89 -18.21 33.85 15.04
C ASN A 89 -18.86 33.72 16.42
N GLU A 90 -18.62 34.72 17.28
CA GLU A 90 -19.23 34.85 18.62
C GLU A 90 -20.70 34.46 18.73
N ASP A 91 -21.51 35.00 17.82
CA ASP A 91 -22.97 34.83 17.83
C ASP A 91 -23.38 33.44 17.35
N GLY A 92 -22.43 32.72 16.75
CA GLY A 92 -22.68 31.41 16.19
C GLY A 92 -23.11 31.49 14.74
N ASN A 93 -22.68 32.54 14.03
CA ASN A 93 -22.93 32.64 12.60
C ASN A 93 -21.75 32.04 11.84
N GLU A 94 -22.07 31.26 10.82
CA GLU A 94 -21.05 30.60 10.00
C GLU A 94 -20.63 31.51 8.87
N ILE A 95 -19.49 32.16 9.08
CA ILE A 95 -19.00 33.23 8.20
C ILE A 95 -18.20 32.73 7.01
N PHE A 96 -17.74 31.48 7.10
CA PHE A 96 -17.06 30.84 5.97
C PHE A 96 -17.42 29.36 6.00
N ASN A 97 -17.70 28.80 4.83
CA ASN A 97 -18.00 27.36 4.71
C ASN A 97 -17.09 26.75 3.69
N THR A 98 -16.57 25.56 3.99
CA THR A 98 -15.77 24.84 2.98
C THR A 98 -16.70 24.29 1.88
N SER A 99 -16.12 23.92 0.74
N SER A 99 -16.12 23.92 0.74
CA SER A 99 -16.90 23.49 -0.43
CA SER A 99 -16.89 23.44 -0.41
C SER A 99 -17.60 22.14 -0.24
C SER A 99 -17.69 22.17 -0.11
N LEU A 100 -18.77 21.98 -0.86
CA LEU A 100 -19.56 20.73 -0.75
C LEU A 100 -19.16 19.67 -1.78
N PHE A 101 -18.38 20.05 -2.78
CA PHE A 101 -17.98 19.16 -3.89
C PHE A 101 -16.79 19.76 -4.63
N GLU A 102 -16.01 18.93 -5.33
CA GLU A 102 -14.98 19.40 -6.23
C GLU A 102 -15.62 19.85 -7.52
N PRO A 103 -15.23 21.05 -8.04
CA PRO A 103 -15.75 21.42 -9.37
C PRO A 103 -15.48 20.30 -10.40
N PRO A 104 -16.55 19.73 -11.01
CA PRO A 104 -16.26 18.59 -11.89
C PRO A 104 -15.49 18.95 -13.14
N PRO A 105 -14.64 18.04 -13.63
CA PRO A 105 -13.80 18.35 -14.79
C PRO A 105 -14.60 18.48 -16.11
N PRO A 106 -14.00 19.11 -17.13
CA PRO A 106 -14.70 19.31 -18.41
C PRO A 106 -15.34 18.05 -19.00
N GLY A 107 -16.64 18.11 -19.29
CA GLY A 107 -17.34 16.99 -19.93
C GLY A 107 -17.87 15.94 -18.95
N TYR A 108 -17.57 16.13 -17.66
CA TYR A 108 -18.10 15.30 -16.54
C TYR A 108 -18.99 16.08 -15.59
N GLU A 109 -19.37 17.30 -15.95
CA GLU A 109 -20.14 18.15 -15.06
C GLU A 109 -21.58 17.63 -14.87
N ASN A 110 -22.01 16.70 -15.72
CA ASN A 110 -23.32 16.04 -15.60
C ASN A 110 -23.24 14.55 -15.20
N VAL A 111 -22.05 14.08 -14.86
CA VAL A 111 -21.90 12.71 -14.36
C VAL A 111 -22.49 12.64 -12.94
N SER A 112 -23.39 11.70 -12.72
CA SER A 112 -23.98 11.53 -11.40
C SER A 112 -23.17 10.54 -10.53
N ASP A 113 -23.49 10.54 -9.25
CA ASP A 113 -22.92 9.62 -8.26
C ASP A 113 -21.42 9.84 -8.03
N ILE A 114 -20.94 11.06 -8.23
CA ILE A 114 -19.58 11.38 -7.75
C ILE A 114 -19.67 11.59 -6.26
N VAL A 115 -19.06 10.69 -5.47
CA VAL A 115 -19.05 10.86 -4.04
C VAL A 115 -18.29 12.14 -3.67
N PRO A 116 -18.92 13.05 -2.86
CA PRO A 116 -18.17 14.24 -2.47
C PRO A 116 -16.96 13.89 -1.59
N PRO A 117 -15.93 14.74 -1.54
CA PRO A 117 -14.80 14.47 -0.66
C PRO A 117 -15.25 14.19 0.77
N PHE A 118 -14.73 13.11 1.36
CA PHE A 118 -14.96 12.80 2.75
C PHE A 118 -13.86 11.87 3.22
N SER A 119 -13.74 11.74 4.54
CA SER A 119 -12.82 10.79 5.16
C SER A 119 -13.61 9.54 5.54
N ALA A 120 -13.41 8.44 4.81
CA ALA A 120 -14.18 7.21 5.09
C ALA A 120 -13.91 6.69 6.49
N PHE A 121 -15.02 6.42 7.19
CA PHE A 121 -15.11 5.88 8.55
C PHE A 121 -15.03 6.92 9.66
N SER A 122 -15.02 8.20 9.28
CA SER A 122 -15.17 9.23 10.31
C SER A 122 -16.45 9.00 11.11
N PRO A 123 -16.37 9.20 12.44
CA PRO A 123 -17.62 9.22 13.18
C PRO A 123 -18.36 10.52 12.90
N GLN A 124 -19.62 10.57 13.32
CA GLN A 124 -20.44 11.77 13.18
C GLN A 124 -20.10 12.73 14.29
N GLY A 125 -20.27 14.02 14.05
CA GLY A 125 -20.12 14.98 15.14
C GLY A 125 -20.09 16.39 14.60
N MET A 126 -20.29 17.35 15.50
CA MET A 126 -20.16 18.76 15.14
C MET A 126 -19.25 19.51 16.13
N PRO A 127 -17.99 19.05 16.31
CA PRO A 127 -17.10 19.72 17.28
C PRO A 127 -16.74 21.16 16.86
N GLU A 128 -16.69 22.05 17.86
CA GLU A 128 -16.28 23.45 17.68
C GLU A 128 -15.11 23.69 18.58
N GLY A 129 -14.09 24.35 18.05
CA GLY A 129 -12.94 24.70 18.88
C GLY A 129 -11.90 25.53 18.16
N ASP A 130 -10.75 25.63 18.82
CA ASP A 130 -9.62 26.39 18.30
C ASP A 130 -8.73 25.44 17.52
N LEU A 131 -8.16 25.96 16.46
CA LEU A 131 -7.28 25.20 15.58
C LEU A 131 -5.85 25.13 16.08
N VAL A 132 -5.23 23.97 15.92
CA VAL A 132 -3.78 23.82 16.05
C VAL A 132 -3.29 23.21 14.73
N TYR A 133 -2.25 23.80 14.16
CA TYR A 133 -1.63 23.30 12.95
C TYR A 133 -0.46 22.39 13.32
N VAL A 134 -0.51 21.16 12.79
CA VAL A 134 0.36 20.06 13.26
C VAL A 134 1.29 19.53 12.15
N ASN A 135 1.51 20.35 11.12
CA ASN A 135 2.37 20.02 9.98
C ASN A 135 1.77 18.76 9.31
N TYR A 136 2.57 17.71 9.14
CA TYR A 136 2.07 16.45 8.53
C TYR A 136 1.44 15.48 9.52
N ALA A 137 1.33 15.89 10.79
CA ALA A 137 0.73 15.09 11.88
C ALA A 137 1.47 13.76 12.05
N ARG A 138 2.76 13.78 11.73
CA ARG A 138 3.64 12.63 12.02
C ARG A 138 3.98 12.53 13.49
N THR A 139 4.45 11.35 13.90
CA THR A 139 4.86 11.14 15.29
C THR A 139 5.83 12.24 15.73
N GLU A 140 6.83 12.53 14.91
CA GLU A 140 7.86 13.55 15.24
C GLU A 140 7.26 14.97 15.23
N ASP A 141 6.18 15.17 14.48
CA ASP A 141 5.51 16.50 14.51
C ASP A 141 4.82 16.72 15.84
N PHE A 142 4.16 15.67 16.35
CA PHE A 142 3.54 15.74 17.65
C PHE A 142 4.56 15.79 18.78
N PHE A 143 5.67 15.06 18.65
CA PHE A 143 6.81 15.20 19.59
C PHE A 143 7.27 16.67 19.68
N LYS A 144 7.42 17.33 18.53
CA LYS A 144 7.88 18.72 18.43
C LYS A 144 6.89 19.65 19.14
N LEU A 145 5.61 19.49 18.84
CA LEU A 145 4.55 20.27 19.45
C LEU A 145 4.47 20.19 20.95
N GLU A 146 4.36 18.96 21.48
N GLU A 146 4.44 18.95 21.46
CA GLU A 146 4.18 18.75 22.91
CA GLU A 146 4.16 18.67 22.86
C GLU A 146 5.48 18.96 23.67
C GLU A 146 5.38 18.73 23.76
N ARG A 147 6.53 18.27 23.24
CA ARG A 147 7.77 18.19 24.02
C ARG A 147 8.60 19.47 23.95
N ASP A 148 8.76 20.00 22.74
CA ASP A 148 9.63 21.16 22.49
C ASP A 148 8.89 22.49 22.57
N MET A 149 7.71 22.54 21.97
CA MET A 149 6.96 23.81 21.90
C MET A 149 5.95 23.96 23.04
N LYS A 150 5.71 22.88 23.78
CA LYS A 150 4.74 22.84 24.88
C LYS A 150 3.31 23.23 24.49
N ILE A 151 2.93 22.92 23.25
CA ILE A 151 1.57 23.15 22.77
C ILE A 151 0.73 21.90 23.03
N ASN A 152 -0.42 22.09 23.68
CA ASN A 152 -1.32 21.01 24.08
C ASN A 152 -2.49 20.93 23.09
N CYS A 153 -2.64 19.77 22.44
CA CYS A 153 -3.71 19.57 21.44
C CYS A 153 -5.03 19.11 22.02
N SER A 154 -5.06 18.86 23.33
CA SER A 154 -6.24 18.33 24.00
C SER A 154 -7.46 19.26 23.82
N GLY A 155 -8.55 18.70 23.29
CA GLY A 155 -9.76 19.48 23.02
C GLY A 155 -9.64 20.49 21.88
N LYS A 156 -8.54 20.46 21.13
CA LYS A 156 -8.35 21.31 19.94
C LYS A 156 -8.76 20.58 18.67
N ILE A 157 -9.07 21.34 17.62
CA ILE A 157 -9.23 20.78 16.29
C ILE A 157 -7.89 20.90 15.58
N VAL A 158 -7.31 19.77 15.17
CA VAL A 158 -6.04 19.84 14.49
C VAL A 158 -6.25 19.97 12.99
N ILE A 159 -5.43 20.80 12.38
CA ILE A 159 -5.33 20.88 10.92
C ILE A 159 -3.96 20.40 10.48
N ALA A 160 -3.96 19.41 9.58
CA ALA A 160 -2.74 18.78 9.13
C ALA A 160 -2.69 18.71 7.63
N ARG A 161 -1.51 18.90 7.08
CA ARG A 161 -1.34 18.71 5.67
C ARG A 161 -1.13 17.24 5.36
N TYR A 162 -1.76 16.82 4.26
CA TYR A 162 -1.60 15.47 3.74
C TYR A 162 -0.16 15.33 3.29
N GLY A 163 0.32 14.09 3.22
CA GLY A 163 1.65 13.81 2.69
C GLY A 163 2.55 13.09 3.67
N LYS A 164 3.64 12.53 3.13
CA LYS A 164 4.71 11.87 3.91
C LYS A 164 4.33 10.53 4.55
N VAL A 165 3.12 10.42 5.10
CA VAL A 165 2.67 9.18 5.78
C VAL A 165 1.21 8.91 5.44
N PHE A 166 0.79 7.67 5.63
CA PHE A 166 -0.62 7.29 5.46
C PHE A 166 -1.52 8.14 6.37
N ARG A 167 -2.63 8.61 5.82
CA ARG A 167 -3.52 9.52 6.58
C ARG A 167 -4.11 8.91 7.85
N GLY A 168 -4.28 7.57 7.86
CA GLY A 168 -4.75 6.91 9.06
C GLY A 168 -3.79 7.08 10.25
N ASN A 169 -2.49 7.08 9.98
CA ASN A 169 -1.51 7.37 11.04
C ASN A 169 -1.62 8.78 11.62
N LYS A 170 -1.87 9.75 10.74
CA LYS A 170 -2.11 11.15 11.16
C LYS A 170 -3.28 11.23 12.15
N VAL A 171 -4.35 10.53 11.83
CA VAL A 171 -5.56 10.53 12.63
C VAL A 171 -5.32 9.84 13.97
N LYS A 172 -4.64 8.69 13.95
N LYS A 172 -4.63 8.69 13.94
CA LYS A 172 -4.31 8.01 15.20
CA LYS A 172 -4.23 7.96 15.15
C LYS A 172 -3.48 8.95 16.08
C LYS A 172 -3.40 8.83 16.08
N ASN A 173 -2.47 9.58 15.49
CA ASN A 173 -1.56 10.47 16.23
C ASN A 173 -2.32 11.67 16.82
N ALA A 174 -3.21 12.26 16.02
CA ALA A 174 -4.04 13.37 16.51
C ALA A 174 -4.95 12.94 17.66
N GLN A 175 -5.55 11.75 17.52
CA GLN A 175 -6.43 11.18 18.52
C GLN A 175 -5.70 11.00 19.86
N LEU A 176 -4.48 10.46 19.81
CA LEU A 176 -3.71 10.20 21.04
C LEU A 176 -3.18 11.49 21.65
N ALA A 177 -3.07 12.55 20.84
CA ALA A 177 -2.73 13.89 21.34
C ALA A 177 -3.94 14.58 22.00
N GLY A 178 -5.11 13.95 21.95
CA GLY A 178 -6.34 14.47 22.56
C GLY A 178 -7.15 15.43 21.70
N ALA A 179 -6.88 15.47 20.39
CA ALA A 179 -7.62 16.32 19.46
C ALA A 179 -9.09 15.92 19.45
N LYS A 180 -9.97 16.89 19.20
CA LYS A 180 -11.38 16.55 19.09
C LYS A 180 -11.88 16.51 17.64
N GLY A 181 -10.99 16.76 16.71
CA GLY A 181 -11.30 16.67 15.29
C GLY A 181 -10.05 16.86 14.51
N VAL A 182 -10.07 16.43 13.24
CA VAL A 182 -8.92 16.58 12.36
C VAL A 182 -9.40 17.08 11.02
N ILE A 183 -8.72 18.10 10.51
CA ILE A 183 -8.94 18.62 9.18
C ILE A 183 -7.70 18.30 8.38
N LEU A 184 -7.88 17.55 7.29
CA LEU A 184 -6.78 17.20 6.41
C LEU A 184 -6.87 18.05 5.16
N TYR A 185 -5.73 18.56 4.68
CA TYR A 185 -5.75 19.34 3.44
C TYR A 185 -4.53 19.08 2.58
N SER A 186 -4.66 19.37 1.29
CA SER A 186 -3.58 19.23 0.32
C SER A 186 -2.84 20.55 0.14
N ASP A 187 -1.62 20.63 0.63
CA ASP A 187 -0.81 21.86 0.47
C ASP A 187 -0.20 21.84 -0.93
N PRO A 188 -0.19 22.99 -1.64
CA PRO A 188 0.52 23.05 -2.90
C PRO A 188 1.99 22.66 -2.81
N ALA A 189 2.62 22.84 -1.64
CA ALA A 189 4.01 22.37 -1.46
C ALA A 189 4.17 20.87 -1.81
N ASP A 190 3.13 20.11 -1.52
CA ASP A 190 3.17 18.65 -1.65
C ASP A 190 2.38 18.15 -2.85
N TYR A 191 1.42 18.93 -3.34
CA TYR A 191 0.55 18.44 -4.43
C TYR A 191 0.43 19.42 -5.60
N PHE A 192 1.41 20.32 -5.74
CA PHE A 192 1.46 21.21 -6.92
C PHE A 192 2.91 21.30 -7.35
N ALA A 193 3.24 20.60 -8.43
CA ALA A 193 4.61 20.53 -8.94
C ALA A 193 4.89 21.88 -9.62
N PRO A 194 6.02 22.53 -9.28
CA PRO A 194 6.39 23.79 -9.93
C PRO A 194 6.46 23.70 -11.44
N GLY A 195 5.90 24.72 -12.11
CA GLY A 195 5.94 24.81 -13.57
C GLY A 195 4.96 23.98 -14.37
N VAL A 196 4.05 23.26 -13.69
N VAL A 196 4.04 23.30 -13.66
CA VAL A 196 3.02 22.51 -14.41
CA VAL A 196 3.01 22.45 -14.27
C VAL A 196 1.65 23.06 -14.03
C VAL A 196 1.64 23.09 -14.01
N LYS A 197 0.73 23.03 -14.99
CA LYS A 197 -0.60 23.64 -14.82
C LYS A 197 -1.55 22.71 -14.05
N SER A 198 -2.52 23.31 -13.38
CA SER A 198 -3.66 22.60 -12.78
C SER A 198 -4.48 21.86 -13.82
N TYR A 199 -5.05 20.71 -13.42
CA TYR A 199 -6.02 20.01 -14.25
C TYR A 199 -7.15 21.00 -14.67
N PRO A 200 -7.65 21.05 -15.92
CA PRO A 200 -7.41 20.09 -17.03
C PRO A 200 -6.21 20.39 -17.95
N ASP A 201 -5.45 21.42 -17.62
CA ASP A 201 -4.40 21.90 -18.51
C ASP A 201 -3.05 21.27 -18.18
N GLY A 202 -2.97 20.59 -17.04
CA GLY A 202 -1.79 19.81 -16.70
C GLY A 202 -2.18 18.82 -15.63
N TRP A 203 -1.17 18.29 -14.95
CA TRP A 203 -1.44 17.21 -13.97
C TRP A 203 -1.47 17.64 -12.51
N ASN A 204 -1.55 18.94 -12.26
CA ASN A 204 -1.53 19.49 -10.92
C ASN A 204 -2.89 19.55 -10.29
N LEU A 205 -2.90 19.57 -8.96
CA LEU A 205 -4.12 19.69 -8.20
C LEU A 205 -4.56 21.14 -8.19
N PRO A 206 -5.81 21.42 -8.64
CA PRO A 206 -6.36 22.77 -8.46
C PRO A 206 -6.79 23.04 -7.02
N GLY A 207 -7.02 24.32 -6.71
CA GLY A 207 -7.35 24.69 -5.35
C GLY A 207 -8.64 24.13 -4.80
N GLY A 208 -9.54 23.71 -5.69
CA GLY A 208 -10.82 23.12 -5.29
C GLY A 208 -10.77 21.58 -5.25
N GLY A 209 -9.62 21.03 -5.65
CA GLY A 209 -9.37 19.57 -5.63
C GLY A 209 -9.22 19.05 -4.20
N VAL A 210 -9.70 17.83 -3.96
CA VAL A 210 -9.62 17.24 -2.62
C VAL A 210 -9.34 15.75 -2.78
N GLN A 211 -8.49 15.25 -1.89
CA GLN A 211 -8.09 13.85 -1.84
C GLN A 211 -9.04 13.12 -0.86
N ARG A 212 -9.80 12.17 -1.40
CA ARG A 212 -10.55 11.19 -0.57
C ARG A 212 -9.62 10.15 0.06
N GLY A 213 -10.14 9.42 1.02
CA GLY A 213 -9.40 8.24 1.54
C GLY A 213 -9.85 7.84 2.91
N ASN A 214 -9.76 6.53 3.20
CA ASN A 214 -10.13 6.06 4.52
C ASN A 214 -9.05 6.44 5.55
N ILE A 215 -9.50 6.51 6.80
CA ILE A 215 -8.66 6.91 7.93
C ILE A 215 -8.62 5.85 9.03
N LEU A 216 -8.77 4.59 8.61
CA LEU A 216 -8.71 3.46 9.54
C LEU A 216 -7.32 3.14 10.00
N ASN A 217 -7.25 2.44 11.14
CA ASN A 217 -6.00 1.81 11.59
C ASN A 217 -6.27 0.35 11.83
N LEU A 218 -6.44 -0.37 10.73
CA LEU A 218 -6.81 -1.79 10.81
C LEU A 218 -5.70 -2.75 11.20
N ASN A 219 -4.45 -2.36 10.92
CA ASN A 219 -3.29 -3.24 11.18
C ASN A 219 -3.46 -4.65 10.62
N GLY A 220 -4.07 -4.71 9.44
CA GLY A 220 -4.20 -5.99 8.75
C GLY A 220 -5.50 -6.74 9.01
N ALA A 221 -6.41 -6.18 9.81
CA ALA A 221 -7.61 -6.93 10.22
C ALA A 221 -8.64 -7.24 9.13
N GLY A 222 -8.71 -6.41 8.09
CA GLY A 222 -9.76 -6.52 7.08
C GLY A 222 -11.03 -5.86 7.57
N ASP A 223 -12.19 -6.43 7.21
CA ASP A 223 -13.48 -5.87 7.68
C ASP A 223 -13.44 -5.56 9.19
N PRO A 224 -13.73 -4.30 9.57
CA PRO A 224 -13.67 -3.93 10.98
C PRO A 224 -14.52 -4.83 11.92
N LEU A 225 -15.60 -5.41 11.38
CA LEU A 225 -16.50 -6.19 12.19
C LEU A 225 -16.21 -7.68 12.35
N THR A 226 -15.29 -8.19 11.51
CA THR A 226 -15.07 -9.66 11.48
C THR A 226 -13.59 -10.08 11.47
N PRO A 227 -12.76 -9.52 12.37
CA PRO A 227 -11.33 -9.85 12.29
C PRO A 227 -11.07 -11.34 12.49
N GLY A 228 -10.33 -11.93 11.54
CA GLY A 228 -9.95 -13.35 11.62
C GLY A 228 -10.74 -14.28 10.73
N TYR A 229 -11.92 -13.83 10.27
CA TYR A 229 -12.93 -14.73 9.65
C TYR A 229 -13.64 -14.00 8.52
N PRO A 230 -14.00 -14.71 7.45
CA PRO A 230 -14.60 -13.99 6.32
C PRO A 230 -16.00 -13.49 6.67
N ALA A 231 -16.33 -12.31 6.14
CA ALA A 231 -17.62 -11.68 6.39
C ALA A 231 -18.69 -12.30 5.46
N ASN A 232 -18.93 -13.58 5.69
CA ASN A 232 -19.91 -14.36 4.89
C ASN A 232 -21.33 -14.20 5.42
N GLU A 233 -22.27 -15.02 4.92
CA GLU A 233 -23.69 -14.84 5.21
C GLU A 233 -24.07 -15.07 6.65
N TYR A 234 -23.31 -15.94 7.35
CA TYR A 234 -23.67 -16.30 8.72
C TYR A 234 -22.68 -15.72 9.71
N ALA A 235 -21.86 -14.77 9.26
CA ALA A 235 -20.81 -14.23 10.12
C ALA A 235 -21.39 -13.58 11.34
N TYR A 236 -20.71 -13.66 12.47
N TYR A 236 -20.71 -13.87 12.45
CA TYR A 236 -21.18 -12.95 13.67
CA TYR A 236 -20.79 -13.09 13.66
C TYR A 236 -20.35 -11.67 13.87
C TYR A 236 -19.97 -11.86 13.43
N ARG A 237 -21.00 -10.50 13.87
N ARG A 237 -20.61 -10.73 13.75
CA ARG A 237 -20.28 -9.23 13.80
CA ARG A 237 -20.06 -9.39 13.63
C ARG A 237 -20.07 -8.67 15.14
C ARG A 237 -20.04 -8.71 14.99
N ARG A 238 -18.89 -8.10 15.32
CA ARG A 238 -18.69 -7.25 16.49
C ARG A 238 -19.66 -6.08 16.41
N GLY A 239 -20.07 -5.62 17.58
CA GLY A 239 -20.73 -4.34 17.67
C GLY A 239 -19.77 -3.23 17.30
N ILE A 240 -20.33 -2.12 16.85
CA ILE A 240 -19.56 -0.97 16.42
C ILE A 240 -18.52 -0.52 17.45
N ALA A 241 -18.86 -0.55 18.74
CA ALA A 241 -17.93 -0.11 19.78
C ALA A 241 -16.72 -1.02 19.93
N GLU A 242 -16.81 -2.26 19.44
CA GLU A 242 -15.69 -3.23 19.48
C GLU A 242 -15.03 -3.44 18.12
N ALA A 243 -15.50 -2.71 17.11
CA ALA A 243 -14.94 -2.81 15.75
C ALA A 243 -13.45 -2.48 15.76
N VAL A 244 -12.73 -3.04 14.78
CA VAL A 244 -11.31 -2.76 14.67
C VAL A 244 -11.07 -1.47 13.88
N GLY A 245 -10.24 -0.60 14.45
CA GLY A 245 -9.59 0.45 13.66
C GLY A 245 -10.32 1.75 13.39
N LEU A 246 -11.52 1.91 13.95
CA LEU A 246 -12.31 3.12 13.68
C LEU A 246 -11.77 4.31 14.46
N PRO A 247 -11.75 5.49 13.83
CA PRO A 247 -11.32 6.72 14.51
C PRO A 247 -12.40 7.15 15.49
N SER A 248 -12.00 7.81 16.58
N SER A 248 -12.00 7.81 16.57
CA SER A 248 -12.93 8.24 17.62
CA SER A 248 -12.95 8.25 17.60
C SER A 248 -13.23 9.74 17.58
C SER A 248 -13.39 9.70 17.44
N ILE A 249 -12.69 10.43 16.58
CA ILE A 249 -12.93 11.87 16.36
C ILE A 249 -13.29 12.14 14.90
N PRO A 250 -14.13 13.17 14.65
CA PRO A 250 -14.48 13.48 13.26
C PRO A 250 -13.30 14.00 12.44
N VAL A 251 -13.30 13.66 11.15
CA VAL A 251 -12.21 13.98 10.24
C VAL A 251 -12.79 14.34 8.89
N HIS A 252 -12.19 15.32 8.22
CA HIS A 252 -12.64 15.74 6.92
C HIS A 252 -11.50 16.32 6.07
N PRO A 253 -11.49 16.02 4.76
CA PRO A 253 -10.44 16.54 3.89
C PRO A 253 -10.93 17.76 3.11
N ILE A 254 -10.03 18.70 2.87
CA ILE A 254 -10.31 19.92 2.08
C ILE A 254 -9.18 20.25 1.11
N GLY A 255 -9.48 21.09 0.13
CA GLY A 255 -8.51 21.64 -0.80
C GLY A 255 -7.80 22.86 -0.26
N TYR A 256 -6.83 23.35 -1.03
CA TYR A 256 -6.00 24.43 -0.54
C TYR A 256 -6.64 25.83 -0.63
N TYR A 257 -7.63 26.03 -1.49
CA TYR A 257 -8.42 27.30 -1.40
C TYR A 257 -9.11 27.40 -0.05
N ASP A 258 -9.75 26.31 0.35
CA ASP A 258 -10.39 26.26 1.64
C ASP A 258 -9.41 26.27 2.79
N ALA A 259 -8.28 25.57 2.63
CA ALA A 259 -7.29 25.55 3.71
C ALA A 259 -6.72 26.94 3.97
N GLN A 260 -6.49 27.70 2.89
CA GLN A 260 -5.99 29.06 3.06
C GLN A 260 -6.91 29.90 3.95
N LYS A 261 -8.22 29.79 3.74
CA LYS A 261 -9.19 30.48 4.58
C LYS A 261 -9.12 30.06 6.05
N LEU A 262 -8.84 28.77 6.33
CA LEU A 262 -8.73 28.30 7.71
C LEU A 262 -7.40 28.65 8.38
N LEU A 263 -6.34 28.75 7.58
CA LEU A 263 -5.00 28.97 8.10
C LEU A 263 -4.63 30.45 8.19
N GLU A 264 -5.22 31.28 7.32
CA GLU A 264 -4.78 32.67 7.20
C GLU A 264 -4.91 33.48 8.51
N LYS A 265 -5.88 33.14 9.34
CA LYS A 265 -6.10 33.83 10.62
C LYS A 265 -5.37 33.26 11.82
N MET A 266 -4.61 32.18 11.64
N MET A 266 -4.60 32.18 11.63
CA MET A 266 -4.02 31.49 12.79
CA MET A 266 -3.91 31.47 12.73
C MET A 266 -2.94 32.30 13.51
C MET A 266 -2.93 32.34 13.51
N GLY A 267 -3.08 32.34 14.83
CA GLY A 267 -2.17 33.06 15.72
C GLY A 267 -1.35 32.12 16.59
N GLY A 268 -1.17 32.49 17.85
CA GLY A 268 -0.32 31.73 18.78
C GLY A 268 1.13 31.67 18.31
N SER A 269 1.78 30.55 18.55
N SER A 269 1.78 30.55 18.55
CA SER A 269 3.20 30.34 18.23
CA SER A 269 3.20 30.38 18.23
C SER A 269 3.48 30.28 16.74
C SER A 269 3.49 30.27 16.74
N ALA A 270 4.65 30.80 16.34
CA ALA A 270 5.13 30.73 14.95
C ALA A 270 5.53 29.28 14.62
N PRO A 271 5.60 28.92 13.31
CA PRO A 271 6.14 27.59 12.95
C PRO A 271 7.57 27.45 13.51
N PRO A 272 7.91 26.26 14.07
CA PRO A 272 9.23 26.09 14.71
C PRO A 272 10.42 26.23 13.77
N ASP A 273 10.21 26.00 12.48
CA ASP A 273 11.23 26.10 11.42
C ASP A 273 10.55 25.97 10.06
N SER A 274 11.34 26.10 8.99
CA SER A 274 10.84 26.14 7.62
C SER A 274 10.22 24.82 7.10
N SER A 275 10.57 23.69 7.71
CA SER A 275 10.02 22.38 7.31
C SER A 275 8.53 22.24 7.70
N TRP A 276 8.05 23.21 8.47
CA TRP A 276 6.65 23.31 8.85
C TRP A 276 5.86 24.21 7.90
N ARG A 277 6.56 24.93 7.02
CA ARG A 277 5.90 25.87 6.13
C ARG A 277 5.65 25.25 4.76
N GLY A 278 4.40 25.24 4.33
CA GLY A 278 4.05 24.92 2.96
C GLY A 278 4.14 26.13 2.05
N SER A 279 3.42 26.10 0.93
CA SER A 279 3.57 27.09 -0.16
C SER A 279 2.49 28.17 -0.22
N LEU A 280 1.50 28.09 0.66
CA LEU A 280 0.43 29.07 0.70
C LEU A 280 0.93 30.38 1.32
N LYS A 281 0.30 31.48 0.92
CA LYS A 281 0.68 32.81 1.40
C LYS A 281 0.05 33.05 2.76
N VAL A 282 0.62 32.35 3.74
CA VAL A 282 0.06 32.17 5.06
C VAL A 282 1.27 31.99 6.02
N PRO A 283 1.16 32.44 7.29
CA PRO A 283 2.33 32.32 8.19
C PRO A 283 2.68 30.89 8.64
N TYR A 284 1.69 29.98 8.61
CA TYR A 284 1.81 28.63 9.18
C TYR A 284 2.06 28.63 10.68
N ASN A 285 1.43 29.60 11.36
CA ASN A 285 1.42 29.63 12.82
C ASN A 285 0.76 28.37 13.35
N VAL A 286 1.25 27.88 14.47
CA VAL A 286 0.79 26.62 15.02
C VAL A 286 -0.51 26.81 15.83
N GLY A 287 -0.77 28.04 16.28
CA GLY A 287 -1.91 28.28 17.15
C GLY A 287 -1.51 28.10 18.61
N PRO A 288 -2.43 27.73 19.50
CA PRO A 288 -3.83 27.46 19.18
C PRO A 288 -4.64 28.72 18.87
N GLY A 289 -5.68 28.55 18.06
CA GLY A 289 -6.61 29.64 17.75
C GLY A 289 -6.06 30.69 16.78
N PHE A 290 -6.84 31.76 16.63
CA PHE A 290 -6.61 32.82 15.65
C PHE A 290 -5.95 34.08 16.27
N THR A 291 -5.43 34.98 15.42
CA THR A 291 -4.85 36.26 15.88
C THR A 291 -5.88 37.18 16.56
N GLY A 292 -5.37 38.10 17.38
CA GLY A 292 -6.17 39.02 18.22
C GLY A 292 -7.57 39.39 17.77
N ASN A 293 -7.69 39.98 16.58
CA ASN A 293 -8.97 40.48 16.03
C ASN A 293 -10.04 39.40 15.81
N PHE A 294 -9.58 38.16 15.65
CA PHE A 294 -10.43 37.02 15.32
C PHE A 294 -10.45 35.97 16.43
N SER A 295 -9.88 36.32 17.58
CA SER A 295 -9.64 35.38 18.68
C SER A 295 -10.90 34.72 19.24
N THR A 296 -12.07 35.32 18.99
CA THR A 296 -13.34 34.80 19.49
C THR A 296 -14.05 33.91 18.46
N GLN A 297 -13.59 33.94 17.22
CA GLN A 297 -14.07 33.05 16.16
C GLN A 297 -13.54 31.62 16.41
N LYS A 298 -14.34 30.63 16.02
CA LYS A 298 -13.99 29.22 16.22
C LYS A 298 -14.15 28.46 14.90
N VAL A 299 -13.64 27.22 14.86
CA VAL A 299 -13.84 26.33 13.71
C VAL A 299 -14.83 25.24 14.11
N LYS A 300 -15.79 24.97 13.22
CA LYS A 300 -16.80 23.98 13.48
C LYS A 300 -16.85 22.95 12.32
N MET A 301 -16.70 21.68 12.67
CA MET A 301 -16.91 20.60 11.69
C MET A 301 -18.36 20.15 11.72
N HIS A 302 -18.86 19.65 10.60
CA HIS A 302 -20.19 19.05 10.55
C HIS A 302 -20.03 17.78 9.76
N ILE A 303 -19.96 16.66 10.47
CA ILE A 303 -19.77 15.35 9.80
C ILE A 303 -20.95 14.45 10.12
N HIS A 304 -21.57 13.94 9.07
CA HIS A 304 -22.81 13.16 9.13
C HIS A 304 -22.75 11.83 8.36
N SER A 305 -21.54 11.44 7.95
CA SER A 305 -21.33 10.17 7.23
C SER A 305 -21.81 9.01 8.09
N THR A 306 -22.20 7.91 7.45
CA THR A 306 -22.65 6.73 8.18
C THR A 306 -21.85 5.50 7.77
N ASN A 307 -21.57 4.66 8.75
CA ASN A 307 -20.97 3.34 8.48
C ASN A 307 -22.11 2.36 8.22
N GLU A 308 -21.96 1.52 7.21
CA GLU A 308 -23.06 0.63 6.80
C GLU A 308 -22.47 -0.66 6.28
N VAL A 309 -23.00 -1.78 6.76
CA VAL A 309 -22.61 -3.09 6.22
C VAL A 309 -23.17 -3.18 4.80
N THR A 310 -22.29 -3.49 3.86
CA THR A 310 -22.59 -3.40 2.44
C THR A 310 -21.93 -4.57 1.69
N ARG A 311 -22.61 -5.10 0.68
CA ARG A 311 -22.02 -6.19 -0.11
C ARG A 311 -20.96 -5.73 -1.09
N ILE A 312 -19.86 -6.48 -1.15
CA ILE A 312 -18.75 -6.24 -2.07
C ILE A 312 -18.49 -7.52 -2.86
N TYR A 313 -17.85 -7.37 -4.01
CA TYR A 313 -17.67 -8.48 -4.93
C TYR A 313 -16.27 -8.55 -5.49
N ASN A 314 -15.59 -9.66 -5.24
CA ASN A 314 -14.31 -9.95 -5.90
C ASN A 314 -14.57 -10.82 -7.11
N VAL A 315 -13.81 -10.59 -8.19
CA VAL A 315 -13.85 -11.55 -9.33
C VAL A 315 -12.62 -12.43 -9.19
N ILE A 316 -12.81 -13.75 -9.22
CA ILE A 316 -11.70 -14.69 -9.07
C ILE A 316 -11.70 -15.60 -10.31
N GLY A 317 -10.64 -15.49 -11.09
CA GLY A 317 -10.45 -16.28 -12.32
C GLY A 317 -9.37 -17.31 -12.10
N THR A 318 -9.57 -18.51 -12.64
CA THR A 318 -8.60 -19.61 -12.47
C THR A 318 -8.13 -20.09 -13.83
N LEU A 319 -6.83 -20.23 -13.99
CA LEU A 319 -6.23 -20.94 -15.13
C LEU A 319 -5.49 -22.13 -14.54
N ARG A 320 -6.08 -23.31 -14.65
CA ARG A 320 -5.54 -24.51 -13.97
C ARG A 320 -4.18 -24.95 -14.53
N GLY A 321 -3.25 -25.22 -13.62
CA GLY A 321 -1.92 -25.71 -13.95
C GLY A 321 -1.99 -27.12 -14.55
N ALA A 322 -1.10 -27.35 -15.50
CA ALA A 322 -1.00 -28.67 -16.19
C ALA A 322 -0.30 -29.72 -15.34
N VAL A 323 0.64 -29.30 -14.50
CA VAL A 323 1.56 -30.22 -13.80
C VAL A 323 1.38 -30.09 -12.29
N GLU A 324 1.36 -28.84 -11.80
CA GLU A 324 1.11 -28.62 -10.36
C GLU A 324 -0.13 -27.74 -10.14
N PRO A 325 -1.35 -28.27 -10.40
CA PRO A 325 -2.57 -27.49 -10.25
C PRO A 325 -2.81 -27.02 -8.81
N ASP A 326 -2.16 -27.69 -7.86
CA ASP A 326 -2.32 -27.35 -6.45
C ASP A 326 -1.22 -26.38 -6.00
N ARG A 327 -0.65 -25.60 -6.92
CA ARG A 327 0.29 -24.56 -6.58
C ARG A 327 -0.23 -23.32 -7.24
N TYR A 328 -0.40 -22.26 -6.43
CA TYR A 328 -1.07 -21.03 -6.92
C TYR A 328 -0.15 -19.86 -7.04
N VAL A 329 -0.17 -19.26 -8.23
CA VAL A 329 0.50 -17.98 -8.50
C VAL A 329 -0.62 -16.98 -8.73
N ILE A 330 -0.65 -15.93 -7.92
CA ILE A 330 -1.82 -15.02 -7.86
C ILE A 330 -1.42 -13.65 -8.40
N LEU A 331 -2.19 -13.18 -9.39
CA LEU A 331 -2.10 -11.79 -9.85
C LEU A 331 -3.38 -11.08 -9.44
N GLY A 332 -3.27 -10.12 -8.53
CA GLY A 332 -4.49 -9.49 -7.98
C GLY A 332 -4.33 -7.98 -7.93
N GLY A 333 -5.42 -7.28 -8.17
CA GLY A 333 -5.43 -5.82 -7.99
C GLY A 333 -6.88 -5.43 -7.85
N HIS A 334 -7.13 -4.23 -7.32
CA HIS A 334 -8.52 -3.88 -7.05
C HIS A 334 -9.19 -3.15 -8.22
N ARG A 335 -10.51 -3.07 -8.10
CA ARG A 335 -11.40 -2.55 -9.13
C ARG A 335 -12.17 -1.33 -8.62
N ASP A 336 -12.47 -1.29 -7.32
CA ASP A 336 -13.23 -0.16 -6.74
C ASP A 336 -12.37 1.10 -6.79
N SER A 337 -13.01 2.23 -7.03
CA SER A 337 -12.26 3.48 -7.09
C SER A 337 -13.00 4.50 -6.23
N TRP A 338 -12.32 5.60 -5.88
CA TRP A 338 -13.02 6.72 -5.20
C TRP A 338 -13.98 7.46 -6.10
N VAL A 339 -13.52 7.81 -7.29
CA VAL A 339 -14.40 8.38 -8.32
C VAL A 339 -14.12 7.61 -9.63
N PHE A 340 -13.46 8.21 -10.61
CA PHE A 340 -13.28 7.55 -11.91
C PHE A 340 -12.12 6.56 -11.93
N GLY A 341 -11.18 6.71 -11.00
CA GLY A 341 -10.03 5.80 -10.93
C GLY A 341 -9.14 5.74 -12.15
N GLY A 342 -8.96 6.90 -12.81
CA GLY A 342 -8.17 6.96 -14.03
C GLY A 342 -6.77 6.40 -13.87
N ILE A 343 -6.13 6.70 -12.74
CA ILE A 343 -4.89 6.04 -12.37
C ILE A 343 -5.20 4.88 -11.38
N ASP A 344 -5.82 5.23 -10.25
CA ASP A 344 -5.97 4.32 -9.10
C ASP A 344 -7.42 3.84 -9.05
N PRO A 345 -7.78 2.58 -9.43
CA PRO A 345 -6.87 1.50 -9.79
C PRO A 345 -6.87 1.15 -11.27
N GLN A 346 -7.63 1.88 -12.10
CA GLN A 346 -7.93 1.30 -13.41
C GLN A 346 -6.72 1.19 -14.35
N SER A 347 -5.68 1.98 -14.10
CA SER A 347 -4.46 1.87 -14.91
C SER A 347 -3.83 0.50 -14.62
N GLY A 348 -4.04 0.00 -13.40
CA GLY A 348 -3.62 -1.37 -13.04
C GLY A 348 -4.59 -2.42 -13.53
N ALA A 349 -5.88 -2.20 -13.31
CA ALA A 349 -6.92 -3.15 -13.73
C ALA A 349 -6.94 -3.39 -15.23
N ALA A 350 -6.68 -2.34 -16.02
CA ALA A 350 -6.56 -2.51 -17.47
C ALA A 350 -5.39 -3.38 -17.87
N VAL A 351 -4.29 -3.23 -17.13
CA VAL A 351 -3.09 -4.07 -17.32
C VAL A 351 -3.42 -5.54 -16.98
N VAL A 352 -4.09 -5.79 -15.86
CA VAL A 352 -4.51 -7.16 -15.51
C VAL A 352 -5.39 -7.74 -16.62
N HIS A 353 -6.33 -6.94 -17.12
CA HIS A 353 -7.27 -7.38 -18.14
C HIS A 353 -6.54 -7.87 -19.39
N GLU A 354 -5.53 -7.13 -19.80
CA GLU A 354 -4.73 -7.47 -20.97
C GLU A 354 -3.85 -8.69 -20.73
N ILE A 355 -3.32 -8.81 -19.51
CA ILE A 355 -2.59 -10.03 -19.11
C ILE A 355 -3.46 -11.28 -19.17
N VAL A 356 -4.70 -11.20 -18.65
CA VAL A 356 -5.64 -12.30 -18.72
C VAL A 356 -5.91 -12.64 -20.18
N ARG A 357 -6.18 -11.61 -20.98
CA ARG A 357 -6.41 -11.83 -22.41
C ARG A 357 -5.24 -12.55 -23.10
N SER A 358 -4.00 -12.14 -22.83
CA SER A 358 -2.83 -12.77 -23.43
C SER A 358 -2.65 -14.21 -22.97
N PHE A 359 -2.74 -14.46 -21.65
CA PHE A 359 -2.68 -15.85 -21.17
C PHE A 359 -3.77 -16.71 -21.79
N GLY A 360 -4.97 -16.14 -21.93
CA GLY A 360 -6.10 -16.82 -22.55
C GLY A 360 -5.87 -17.18 -24.02
N THR A 361 -5.21 -16.32 -24.79
N THR A 361 -5.14 -16.32 -24.73
CA THR A 361 -4.93 -16.66 -26.20
CA THR A 361 -4.71 -16.55 -26.11
C THR A 361 -4.07 -17.92 -26.26
C THR A 361 -3.73 -17.72 -26.23
N LEU A 362 -2.97 -17.91 -25.50
N LEU A 362 -2.86 -17.88 -25.23
CA LEU A 362 -2.11 -19.08 -25.39
CA LEU A 362 -2.01 -19.07 -25.24
C LEU A 362 -2.89 -20.33 -25.00
C LEU A 362 -2.81 -20.32 -24.93
N LYS A 363 -3.75 -20.21 -23.99
CA LYS A 363 -4.59 -21.31 -23.55
C LYS A 363 -5.47 -21.87 -24.67
N LYS A 364 -6.06 -20.98 -25.48
CA LYS A 364 -6.93 -21.40 -26.59
C LYS A 364 -6.18 -22.16 -27.67
N GLU A 365 -4.86 -21.95 -27.74
CA GLU A 365 -3.96 -22.70 -28.64
C GLU A 365 -3.42 -23.98 -27.99
N GLY A 366 -3.95 -24.33 -26.82
CA GLY A 366 -3.65 -25.59 -26.13
C GLY A 366 -2.61 -25.56 -25.04
N TRP A 367 -2.13 -24.37 -24.68
CA TRP A 367 -1.10 -24.24 -23.66
C TRP A 367 -1.76 -24.16 -22.30
N ARG A 368 -1.04 -24.65 -21.29
CA ARG A 368 -1.39 -24.40 -19.88
C ARG A 368 -0.10 -24.10 -19.15
N PRO A 369 -0.16 -23.21 -18.13
CA PRO A 369 1.02 -22.99 -17.30
C PRO A 369 1.29 -24.25 -16.47
N ARG A 370 2.49 -24.39 -15.96
CA ARG A 370 2.87 -25.54 -15.10
C ARG A 370 2.01 -25.54 -13.81
N ARG A 371 1.98 -24.38 -13.17
CA ARG A 371 1.19 -24.16 -11.94
C ARG A 371 -0.09 -23.38 -12.24
N THR A 372 -1.04 -23.46 -11.32
CA THR A 372 -2.32 -22.74 -11.43
C THR A 372 -2.07 -21.24 -11.26
N ILE A 373 -2.68 -20.46 -12.16
CA ILE A 373 -2.67 -19.00 -12.00
C ILE A 373 -4.06 -18.56 -11.60
N LEU A 374 -4.11 -17.77 -10.52
CA LEU A 374 -5.34 -17.14 -10.07
C LEU A 374 -5.26 -15.64 -10.37
N PHE A 375 -6.36 -15.14 -10.93
CA PHE A 375 -6.50 -13.72 -11.24
C PHE A 375 -7.58 -13.13 -10.38
N ALA A 376 -7.30 -11.97 -9.79
CA ALA A 376 -8.28 -11.35 -8.91
C ALA A 376 -8.52 -9.87 -9.23
N SER A 377 -9.80 -9.52 -9.24
CA SER A 377 -10.31 -8.14 -9.28
C SER A 377 -10.92 -7.89 -7.91
N TRP A 378 -10.16 -7.24 -7.02
CA TRP A 378 -10.62 -7.11 -5.64
C TRP A 378 -11.57 -5.92 -5.48
N ASP A 379 -12.46 -6.02 -4.51
CA ASP A 379 -13.36 -4.92 -4.22
C ASP A 379 -12.95 -4.30 -2.90
N ALA A 380 -13.45 -3.07 -2.67
CA ALA A 380 -13.30 -2.36 -1.40
C ALA A 380 -11.86 -2.22 -0.90
N GLU A 381 -10.90 -2.17 -1.83
CA GLU A 381 -9.52 -1.90 -1.40
C GLU A 381 -9.47 -0.51 -0.75
N GLU A 382 -10.23 0.43 -1.32
CA GLU A 382 -10.13 1.82 -0.83
C GLU A 382 -10.64 2.00 0.59
N PHE A 383 -11.44 1.03 1.07
CA PHE A 383 -12.04 1.10 2.37
C PHE A 383 -11.29 0.25 3.38
N GLY A 384 -10.07 -0.17 3.01
CA GLY A 384 -9.19 -0.87 3.96
C GLY A 384 -8.76 -2.26 3.52
N LEU A 385 -8.55 -2.46 2.22
CA LEU A 385 -8.05 -3.76 1.69
C LEU A 385 -9.09 -4.85 2.04
N LEU A 386 -10.37 -4.49 1.98
CA LEU A 386 -11.38 -5.38 2.57
C LEU A 386 -11.65 -6.63 1.73
N GLY A 387 -11.72 -6.48 0.42
CA GLY A 387 -12.01 -7.58 -0.51
C GLY A 387 -10.92 -8.64 -0.51
N SER A 388 -9.68 -8.20 -0.63
CA SER A 388 -8.55 -9.14 -0.66
C SER A 388 -8.48 -9.83 0.69
N THR A 389 -8.63 -9.07 1.76
CA THR A 389 -8.44 -9.65 3.09
C THR A 389 -9.54 -10.63 3.45
N GLU A 390 -10.80 -10.33 3.15
CA GLU A 390 -11.87 -11.26 3.47
C GLU A 390 -11.72 -12.55 2.66
N TRP A 391 -11.35 -12.42 1.39
CA TRP A 391 -11.12 -13.63 0.57
C TRP A 391 -9.96 -14.48 1.08
N ALA A 392 -8.86 -13.83 1.45
CA ALA A 392 -7.75 -14.55 2.05
C ALA A 392 -8.13 -15.17 3.39
N GLU A 393 -8.95 -14.48 4.18
CA GLU A 393 -9.45 -15.12 5.44
C GLU A 393 -10.27 -16.37 5.13
N GLU A 394 -11.12 -16.30 4.12
CA GLU A 394 -11.93 -17.44 3.74
C GLU A 394 -11.04 -18.60 3.29
N ASN A 395 -10.01 -18.29 2.50
CA ASN A 395 -9.21 -19.32 1.82
C ASN A 395 -7.83 -19.52 2.43
N SER A 396 -7.66 -19.12 3.69
CA SER A 396 -6.31 -19.08 4.29
C SER A 396 -5.61 -20.43 4.28
N ARG A 397 -6.35 -21.51 4.52
CA ARG A 397 -5.72 -22.84 4.53
C ARG A 397 -5.21 -23.22 3.15
N LEU A 398 -5.99 -22.93 2.12
CA LEU A 398 -5.49 -23.19 0.76
C LEU A 398 -4.26 -22.34 0.43
N LEU A 399 -4.30 -21.05 0.81
CA LEU A 399 -3.22 -20.14 0.49
C LEU A 399 -1.95 -20.48 1.22
N GLN A 400 -2.03 -20.81 2.49
N GLN A 400 -2.12 -20.82 2.50
CA GLN A 400 -0.77 -21.06 3.17
CA GLN A 400 -1.07 -21.25 3.42
C GLN A 400 -0.14 -22.41 2.80
C GLN A 400 -0.23 -22.37 2.81
N GLU A 401 -0.94 -23.38 2.33
CA GLU A 401 -0.30 -24.65 1.91
C GLU A 401 0.05 -24.71 0.43
N ARG A 402 -0.54 -23.82 -0.35
CA ARG A 402 -0.41 -23.91 -1.82
C ARG A 402 0.07 -22.64 -2.49
N GLY A 403 0.17 -21.56 -1.71
CA GLY A 403 0.43 -20.23 -2.28
C GLY A 403 1.90 -20.06 -2.62
N VAL A 404 2.21 -20.00 -3.90
CA VAL A 404 3.59 -19.75 -4.32
C VAL A 404 3.98 -18.27 -4.21
N ALA A 405 3.14 -17.40 -4.80
CA ALA A 405 3.51 -15.99 -4.93
C ALA A 405 2.29 -15.16 -5.22
N TYR A 406 2.36 -13.91 -4.79
CA TYR A 406 1.32 -12.93 -5.06
C TYR A 406 1.97 -11.73 -5.71
N ILE A 407 1.47 -11.37 -6.91
CA ILE A 407 1.87 -10.15 -7.59
C ILE A 407 0.70 -9.17 -7.57
N ASN A 408 0.96 -7.99 -7.00
CA ASN A 408 -0.10 -6.97 -6.91
C ASN A 408 -0.23 -6.23 -8.23
N ALA A 409 -1.40 -5.61 -8.45
CA ALA A 409 -1.62 -4.90 -9.72
C ALA A 409 -2.59 -3.73 -9.54
N ASP A 410 -2.23 -2.85 -8.61
CA ASP A 410 -2.90 -1.56 -8.54
C ASP A 410 -2.25 -0.64 -9.58
N SER A 411 -2.32 0.68 -9.38
CA SER A 411 -1.91 1.67 -10.39
C SER A 411 -0.63 1.31 -11.12
N SER A 412 -0.69 1.32 -12.45
CA SER A 412 0.49 1.02 -13.26
C SER A 412 1.47 2.17 -13.33
N ILE A 413 1.03 3.37 -12.94
CA ILE A 413 1.83 4.59 -13.02
C ILE A 413 1.62 5.48 -11.80
N GLU A 414 2.70 6.04 -11.28
CA GLU A 414 2.63 7.18 -10.34
C GLU A 414 3.55 8.31 -10.86
N GLY A 415 4.01 8.14 -12.08
CA GLY A 415 4.98 9.01 -12.74
C GLY A 415 5.31 8.33 -14.05
N ASN A 416 6.24 8.92 -14.80
CA ASN A 416 6.62 8.32 -16.08
C ASN A 416 8.13 8.34 -16.34
N TYR A 417 8.89 8.29 -15.26
CA TYR A 417 10.34 8.43 -15.32
C TYR A 417 11.02 7.07 -15.41
N THR A 418 10.70 6.17 -14.47
CA THR A 418 11.41 4.90 -14.44
C THR A 418 10.56 3.85 -13.70
N LEU A 419 11.11 2.64 -13.60
CA LEU A 419 10.42 1.57 -12.90
C LEU A 419 10.55 1.69 -11.40
N ARG A 420 9.48 1.27 -10.72
CA ARG A 420 9.46 1.08 -9.27
C ARG A 420 9.13 -0.39 -9.02
N VAL A 421 9.96 -1.04 -8.21
CA VAL A 421 9.66 -2.41 -7.76
C VAL A 421 9.83 -2.46 -6.24
N ASP A 422 8.81 -2.96 -5.54
CA ASP A 422 8.93 -3.30 -4.10
C ASP A 422 8.59 -4.78 -4.01
N CYS A 423 9.45 -5.59 -3.40
CA CYS A 423 9.15 -7.01 -3.32
C CYS A 423 9.98 -7.69 -2.26
N THR A 424 9.59 -8.92 -1.95
CA THR A 424 10.42 -9.79 -1.14
C THR A 424 11.82 -10.02 -1.78
N PRO A 425 12.86 -10.12 -0.95
CA PRO A 425 14.17 -10.50 -1.48
C PRO A 425 14.15 -11.77 -2.34
N LEU A 426 13.20 -12.67 -2.08
CA LEU A 426 13.11 -13.92 -2.87
C LEU A 426 12.87 -13.67 -4.35
N MET A 427 12.36 -12.48 -4.69
CA MET A 427 12.10 -12.13 -6.09
C MET A 427 13.14 -11.22 -6.75
N TYR A 428 14.17 -10.80 -6.02
CA TYR A 428 15.16 -9.86 -6.61
C TYR A 428 15.79 -10.39 -7.90
N SER A 429 16.26 -11.64 -7.85
CA SER A 429 16.92 -12.23 -9.00
C SER A 429 15.99 -12.38 -10.19
N LEU A 430 14.76 -12.83 -9.93
CA LEU A 430 13.71 -12.93 -10.94
C LEU A 430 13.51 -11.57 -11.63
N VAL A 431 13.41 -10.52 -10.82
CA VAL A 431 13.15 -9.17 -11.37
C VAL A 431 14.34 -8.68 -12.21
N HIS A 432 15.55 -8.87 -11.69
CA HIS A 432 16.77 -8.44 -12.40
C HIS A 432 16.82 -9.16 -13.75
N ASN A 433 16.59 -10.47 -13.74
CA ASN A 433 16.65 -11.25 -14.98
C ASN A 433 15.57 -10.91 -15.96
N LEU A 434 14.33 -10.69 -15.49
CA LEU A 434 13.24 -10.41 -16.39
C LEU A 434 13.46 -9.07 -17.06
N THR A 435 13.84 -8.07 -16.26
CA THR A 435 14.03 -6.69 -16.79
C THR A 435 15.19 -6.58 -17.79
N LYS A 436 16.17 -7.48 -17.68
CA LYS A 436 17.25 -7.57 -18.68
C LYS A 436 16.75 -8.05 -20.04
N GLU A 437 15.60 -8.69 -20.08
N GLU A 437 15.61 -8.73 -20.07
CA GLU A 437 15.02 -9.28 -21.29
CA GLU A 437 15.03 -9.28 -21.29
C GLU A 437 13.89 -8.43 -21.88
C GLU A 437 13.98 -8.37 -21.92
N LEU A 438 13.58 -7.33 -21.21
CA LEU A 438 12.51 -6.41 -21.66
C LEU A 438 13.12 -5.16 -22.24
N LYS A 439 12.44 -4.58 -23.22
CA LYS A 439 12.89 -3.32 -23.85
C LYS A 439 12.54 -2.13 -22.98
N SER A 440 13.47 -1.17 -22.83
CA SER A 440 13.16 0.07 -22.15
C SER A 440 12.18 0.92 -22.99
N PRO A 441 11.15 1.49 -22.34
CA PRO A 441 10.27 2.38 -23.10
C PRO A 441 10.73 3.84 -23.02
N ASP A 442 11.85 4.09 -22.34
CA ASP A 442 12.30 5.43 -22.01
C ASP A 442 12.95 6.10 -23.21
N GLU A 443 12.70 7.39 -23.36
N GLU A 443 12.72 7.39 -23.36
CA GLU A 443 13.39 8.22 -24.35
CA GLU A 443 13.39 8.20 -24.37
C GLU A 443 14.89 8.23 -24.05
C GLU A 443 14.89 8.26 -24.06
N GLY A 444 15.72 8.00 -25.07
CA GLY A 444 17.17 8.01 -24.87
C GLY A 444 17.71 6.62 -24.59
N PHE A 445 16.82 5.64 -24.37
CA PHE A 445 17.19 4.25 -24.10
C PHE A 445 16.58 3.32 -25.14
N GLU A 446 16.29 3.83 -26.33
CA GLU A 446 15.71 2.97 -27.34
C GLU A 446 16.74 1.91 -27.77
N GLY A 447 16.29 0.67 -27.91
CA GLY A 447 17.20 -0.46 -28.16
C GLY A 447 17.95 -0.99 -26.92
N LYS A 448 17.76 -0.35 -25.76
CA LYS A 448 18.36 -0.81 -24.53
C LYS A 448 17.34 -1.57 -23.68
N SER A 449 17.83 -2.37 -22.74
CA SER A 449 16.93 -3.12 -21.84
C SER A 449 16.32 -2.21 -20.79
N LEU A 450 15.16 -2.64 -20.29
CA LEU A 450 14.55 -2.01 -19.11
C LEU A 450 15.48 -2.04 -17.89
N TYR A 451 16.20 -3.16 -17.70
CA TYR A 451 17.19 -3.20 -16.66
C TYR A 451 18.20 -2.06 -16.76
N GLU A 452 18.69 -1.80 -17.98
CA GLU A 452 19.66 -0.73 -18.16
C GLU A 452 19.10 0.68 -17.81
N SER A 453 17.91 1.00 -18.33
CA SER A 453 17.32 2.33 -18.07
C SER A 453 16.97 2.49 -16.60
N TRP A 454 16.38 1.43 -16.04
CA TRP A 454 16.03 1.39 -14.62
C TRP A 454 17.24 1.56 -13.69
N THR A 455 18.33 0.82 -13.87
N THR A 455 18.30 0.80 -13.95
CA THR A 455 19.46 1.04 -12.95
CA THR A 455 19.52 0.88 -13.15
C THR A 455 20.17 2.37 -13.20
C THR A 455 20.18 2.27 -13.25
N LYS A 456 20.16 2.85 -14.44
CA LYS A 456 20.70 4.19 -14.72
C LYS A 456 19.88 5.29 -13.99
N LYS A 457 18.56 5.22 -14.10
CA LYS A 457 17.68 6.24 -13.51
C LYS A 457 17.38 6.04 -12.03
N SER A 458 17.41 4.79 -11.57
CA SER A 458 17.15 4.46 -10.17
C SER A 458 18.22 3.54 -9.59
N PRO A 459 19.47 4.06 -9.43
CA PRO A 459 20.56 3.23 -8.93
C PRO A 459 20.30 2.76 -7.51
N SER A 460 20.65 1.51 -7.23
CA SER A 460 20.69 1.03 -5.86
C SER A 460 21.58 1.91 -4.97
N PRO A 461 21.12 2.24 -3.74
CA PRO A 461 22.00 3.01 -2.84
C PRO A 461 23.21 2.19 -2.36
N GLU A 462 23.15 0.87 -2.53
CA GLU A 462 24.17 -0.02 -2.00
C GLU A 462 25.14 -0.59 -3.04
N PHE A 463 24.60 -1.03 -4.17
CA PHE A 463 25.40 -1.75 -5.15
C PHE A 463 25.45 -1.07 -6.51
N SER A 464 26.67 -0.79 -6.98
CA SER A 464 26.91 -0.28 -8.34
C SER A 464 26.43 -1.30 -9.35
N GLY A 465 25.75 -0.81 -10.38
CA GLY A 465 25.32 -1.66 -11.49
C GLY A 465 24.00 -2.37 -11.25
N MET A 466 23.37 -2.08 -10.10
N MET A 466 23.35 -2.08 -10.12
CA MET A 466 22.08 -2.66 -9.69
CA MET A 466 22.06 -2.67 -9.78
C MET A 466 21.04 -1.56 -9.51
C MET A 466 21.05 -1.58 -9.51
N PRO A 467 19.75 -1.86 -9.76
CA PRO A 467 18.66 -0.90 -9.52
C PRO A 467 18.14 -0.91 -8.08
N ARG A 468 17.45 0.16 -7.69
CA ARG A 468 16.77 0.21 -6.39
C ARG A 468 15.55 -0.70 -6.40
N ILE A 469 15.45 -1.57 -5.39
CA ILE A 469 14.21 -2.33 -5.12
C ILE A 469 13.90 -2.11 -3.64
N SER A 470 12.69 -1.64 -3.34
CA SER A 470 12.33 -1.30 -1.97
C SER A 470 11.68 -2.47 -1.30
N LYS A 471 11.66 -2.39 0.04
N LYS A 471 11.67 -2.45 0.03
CA LYS A 471 10.87 -3.29 0.87
CA LYS A 471 10.90 -3.44 0.77
C LYS A 471 9.39 -3.06 0.57
C LYS A 471 9.44 -3.08 0.68
N LEU A 472 8.59 -4.11 0.67
CA LEU A 472 7.12 -3.91 0.65
C LEU A 472 6.73 -3.17 1.90
N GLY A 473 5.87 -2.15 1.71
CA GLY A 473 5.23 -1.45 2.83
C GLY A 473 3.83 -2.01 2.92
N SER A 474 2.84 -1.13 2.92
CA SER A 474 1.46 -1.56 2.90
C SER A 474 0.59 -0.47 2.32
N GLY A 475 -0.73 -0.55 2.59
CA GLY A 475 -1.66 0.33 1.91
C GLY A 475 -2.07 -0.22 0.55
N ASN A 476 -1.89 -1.55 0.37
CA ASN A 476 -2.44 -2.22 -0.81
C ASN A 476 -2.71 -3.70 -0.58
N ASP A 477 -3.28 -4.37 -1.60
CA ASP A 477 -3.92 -5.68 -1.38
C ASP A 477 -2.95 -6.84 -1.15
N PHE A 478 -1.65 -6.60 -1.28
CA PHE A 478 -0.70 -7.65 -0.93
C PHE A 478 -0.55 -7.85 0.57
N GLU A 479 -1.09 -6.94 1.39
CA GLU A 479 -0.81 -6.97 2.84
C GLU A 479 -1.21 -8.31 3.48
N VAL A 480 -2.42 -8.80 3.17
CA VAL A 480 -2.86 -10.08 3.78
C VAL A 480 -1.95 -11.24 3.32
N PHE A 481 -1.58 -11.22 2.05
CA PHE A 481 -0.77 -12.31 1.49
C PHE A 481 0.62 -12.34 2.03
N PHE A 482 1.23 -11.16 2.20
CA PHE A 482 2.65 -11.07 2.60
C PHE A 482 2.78 -11.05 4.14
N GLN A 483 2.24 -10.00 4.78
CA GLN A 483 2.50 -9.85 6.21
C GLN A 483 1.63 -10.73 7.09
N ARG A 484 0.44 -11.14 6.64
CA ARG A 484 -0.34 -12.09 7.45
C ARG A 484 0.03 -13.54 7.12
N LEU A 485 -0.03 -13.87 5.84
CA LEU A 485 0.10 -15.27 5.43
C LEU A 485 1.52 -15.70 5.04
N GLY A 486 2.44 -14.77 4.77
CA GLY A 486 3.82 -15.14 4.43
C GLY A 486 3.96 -15.79 3.07
N ILE A 487 3.22 -15.24 2.10
CA ILE A 487 3.36 -15.66 0.69
C ILE A 487 4.26 -14.62 0.00
N ALA A 488 5.33 -15.10 -0.65
CA ALA A 488 6.26 -14.22 -1.40
C ALA A 488 5.46 -13.26 -2.27
N SER A 489 5.70 -11.95 -2.11
CA SER A 489 4.86 -10.96 -2.80
C SER A 489 5.72 -9.90 -3.46
N GLY A 490 5.14 -9.29 -4.51
CA GLY A 490 5.83 -8.17 -5.18
C GLY A 490 4.84 -7.22 -5.85
N ARG A 491 5.34 -6.04 -6.19
CA ARG A 491 4.59 -5.04 -6.97
C ARG A 491 5.58 -4.32 -7.89
N ALA A 492 5.06 -3.75 -8.99
CA ALA A 492 5.89 -2.98 -9.92
C ALA A 492 5.00 -1.98 -10.62
N ARG A 493 5.55 -0.79 -10.87
CA ARG A 493 4.83 0.23 -11.64
C ARG A 493 5.83 1.24 -12.13
N TYR A 494 5.36 2.15 -12.99
CA TYR A 494 6.20 3.30 -13.33
C TYR A 494 6.07 4.38 -12.29
N THR A 495 7.16 5.12 -12.11
CA THR A 495 7.25 6.11 -11.04
C THR A 495 8.02 7.36 -11.51
N LYS A 496 8.04 8.37 -10.64
CA LYS A 496 8.80 9.58 -10.90
C LYS A 496 10.26 9.38 -10.50
N ASN A 497 11.10 10.39 -10.71
CA ASN A 497 12.50 10.33 -10.33
C ASN A 497 12.64 10.17 -8.81
N TRP A 498 13.32 9.09 -8.37
CA TRP A 498 13.53 8.87 -6.90
C TRP A 498 14.20 10.07 -6.23
N GLU A 499 15.14 10.68 -6.97
CA GLU A 499 15.94 11.82 -6.50
C GLU A 499 15.11 13.03 -6.12
N THR A 500 14.01 13.27 -6.85
CA THR A 500 13.15 14.42 -6.55
C THR A 500 11.82 13.99 -5.90
N ASN A 501 11.71 12.73 -5.52
CA ASN A 501 10.46 12.20 -4.95
C ASN A 501 10.28 12.70 -3.51
N LYS A 502 9.17 13.40 -3.25
CA LYS A 502 8.88 13.91 -1.88
C LYS A 502 7.91 13.01 -1.11
N PHE A 503 7.55 11.89 -1.74
CA PHE A 503 6.85 10.76 -1.10
C PHE A 503 5.46 11.12 -0.60
N SER A 504 4.69 11.78 -1.47
CA SER A 504 3.31 12.05 -1.18
C SER A 504 2.42 11.65 -2.36
N GLY A 505 3.00 11.00 -3.36
CA GLY A 505 2.25 10.54 -4.53
C GLY A 505 2.01 11.64 -5.55
N TYR A 506 1.17 11.35 -6.54
CA TYR A 506 0.93 12.27 -7.67
C TYR A 506 -0.16 13.28 -7.25
N PRO A 507 -0.19 14.48 -7.86
CA PRO A 507 -1.06 15.53 -7.30
C PRO A 507 -2.54 15.21 -7.27
N LEU A 508 -3.04 14.44 -8.25
CA LEU A 508 -4.50 14.24 -8.38
C LEU A 508 -5.00 12.97 -7.70
N TYR A 509 -4.15 12.43 -6.84
CA TYR A 509 -4.49 11.21 -6.08
C TYR A 509 -5.85 11.28 -5.39
N HIS A 510 -6.76 10.35 -5.73
CA HIS A 510 -8.09 10.17 -5.05
C HIS A 510 -9.03 11.39 -5.20
N SER A 511 -8.74 12.18 -6.23
N SER A 511 -8.79 12.15 -6.25
CA SER A 511 -9.57 13.32 -6.61
CA SER A 511 -9.60 13.31 -6.56
C SER A 511 -10.45 13.01 -7.84
C SER A 511 -10.43 13.03 -7.82
N VAL A 512 -11.53 13.79 -7.99
CA VAL A 512 -12.38 13.70 -9.19
C VAL A 512 -11.58 13.92 -10.50
N TYR A 513 -10.40 14.55 -10.42
CA TYR A 513 -9.63 14.93 -11.62
C TYR A 513 -8.81 13.75 -12.15
N GLU A 514 -8.79 12.65 -11.37
CA GLU A 514 -8.06 11.46 -11.77
C GLU A 514 -8.87 10.68 -12.80
N THR A 515 -8.69 11.03 -14.07
CA THR A 515 -9.52 10.57 -15.14
C THR A 515 -8.74 9.88 -16.24
N TYR A 516 -9.46 9.26 -17.17
CA TYR A 516 -8.85 8.75 -18.40
C TYR A 516 -7.97 9.83 -19.08
N GLU A 517 -8.50 11.05 -19.17
CA GLU A 517 -7.79 12.12 -19.86
C GLU A 517 -6.51 12.51 -19.19
N LEU A 518 -6.50 12.46 -17.85
CA LEU A 518 -5.27 12.70 -17.12
C LEU A 518 -4.14 11.80 -17.60
N VAL A 519 -4.46 10.50 -17.74
CA VAL A 519 -3.47 9.53 -18.16
C VAL A 519 -3.11 9.69 -19.64
N GLU A 520 -4.13 9.70 -20.51
CA GLU A 520 -3.94 9.77 -21.96
C GLU A 520 -3.21 11.06 -22.40
N LYS A 521 -3.53 12.18 -21.74
CA LYS A 521 -2.91 13.45 -22.10
C LYS A 521 -1.54 13.70 -21.45
N PHE A 522 -1.38 13.35 -20.17
CA PHE A 522 -0.26 13.87 -19.39
C PHE A 522 0.72 12.81 -18.86
N TYR A 523 0.26 11.56 -18.73
CA TYR A 523 1.14 10.50 -18.22
C TYR A 523 1.72 9.58 -19.26
N ASP A 524 0.88 9.04 -20.12
CA ASP A 524 1.29 7.95 -21.00
C ASP A 524 0.50 7.92 -22.27
N PRO A 525 0.64 8.98 -23.13
CA PRO A 525 -0.12 9.06 -24.36
C PRO A 525 -0.08 7.83 -25.25
N MET A 526 1.10 7.20 -25.32
N MET A 526 1.09 7.20 -25.35
CA MET A 526 1.30 6.03 -26.19
CA MET A 526 1.27 6.02 -26.21
C MET A 526 1.08 4.71 -25.46
C MET A 526 0.88 4.71 -25.49
N PHE A 527 0.73 4.78 -24.17
CA PHE A 527 0.49 3.58 -23.34
C PHE A 527 1.68 2.62 -23.30
N LYS A 528 2.86 3.17 -23.57
CA LYS A 528 4.10 2.39 -23.55
C LYS A 528 4.56 2.08 -22.13
N TYR A 529 4.33 3.00 -21.19
CA TYR A 529 4.69 2.70 -19.79
C TYR A 529 3.77 1.64 -19.23
N HIS A 530 2.47 1.76 -19.53
CA HIS A 530 1.49 0.70 -19.21
C HIS A 530 1.91 -0.65 -19.80
N LEU A 531 2.31 -0.65 -21.08
CA LEU A 531 2.73 -1.90 -21.68
C LEU A 531 3.95 -2.49 -20.96
N THR A 532 4.90 -1.64 -20.60
CA THR A 532 6.13 -2.08 -19.89
C THR A 532 5.74 -2.71 -18.55
N VAL A 533 4.84 -2.04 -17.85
CA VAL A 533 4.34 -2.58 -16.55
C VAL A 533 3.58 -3.90 -16.76
N ALA A 534 2.78 -4.02 -17.83
CA ALA A 534 2.15 -5.30 -18.16
C ALA A 534 3.18 -6.41 -18.38
N GLN A 535 4.25 -6.07 -19.08
CA GLN A 535 5.35 -7.02 -19.30
C GLN A 535 6.07 -7.46 -18.03
N VAL A 536 6.29 -6.51 -17.13
CA VAL A 536 6.93 -6.81 -15.84
C VAL A 536 6.01 -7.69 -14.99
N ARG A 537 4.77 -7.24 -14.77
CA ARG A 537 3.85 -8.02 -13.91
C ARG A 537 3.53 -9.37 -14.54
N GLY A 538 3.19 -9.38 -15.83
CA GLY A 538 2.86 -10.62 -16.52
C GLY A 538 4.05 -11.55 -16.64
N GLY A 539 5.22 -10.98 -16.89
CA GLY A 539 6.48 -11.75 -17.02
C GLY A 539 6.78 -12.43 -15.69
N MET A 540 6.61 -11.68 -14.61
CA MET A 540 6.78 -12.27 -13.25
C MET A 540 5.85 -13.45 -13.03
N VAL A 541 4.55 -13.28 -13.30
CA VAL A 541 3.55 -14.33 -13.15
C VAL A 541 3.93 -15.52 -14.03
N PHE A 542 4.28 -15.24 -15.29
CA PHE A 542 4.69 -16.30 -16.21
C PHE A 542 5.80 -17.18 -15.65
N GLU A 543 6.90 -16.55 -15.22
CA GLU A 543 8.07 -17.26 -14.67
C GLU A 543 7.69 -18.02 -13.41
N LEU A 544 6.95 -17.37 -12.51
CA LEU A 544 6.55 -18.03 -11.26
C LEU A 544 5.64 -19.24 -11.52
N ALA A 545 4.76 -19.13 -12.51
CA ALA A 545 3.83 -20.19 -12.81
C ALA A 545 4.40 -21.29 -13.71
N ASN A 546 5.54 -21.03 -14.35
CA ASN A 546 6.07 -21.97 -15.38
C ASN A 546 7.41 -22.54 -15.22
N SER A 547 8.28 -21.83 -14.50
CA SER A 547 9.64 -22.28 -14.29
C SER A 547 9.62 -23.61 -13.52
N ILE A 548 10.48 -24.51 -13.97
N ILE A 548 10.42 -24.57 -13.95
CA ILE A 548 10.55 -25.84 -13.37
CA ILE A 548 10.40 -25.88 -13.28
C ILE A 548 10.89 -25.72 -11.89
C ILE A 548 10.89 -25.78 -11.83
N VAL A 549 11.99 -25.04 -11.61
CA VAL A 549 12.42 -24.70 -10.26
C VAL A 549 11.82 -23.32 -9.98
N LEU A 550 11.13 -23.15 -8.85
CA LEU A 550 10.64 -21.81 -8.50
C LEU A 550 11.74 -20.76 -8.58
N PRO A 551 11.44 -19.59 -9.19
CA PRO A 551 12.49 -18.61 -9.44
C PRO A 551 12.74 -17.70 -8.23
N PHE A 552 13.08 -18.31 -7.09
CA PHE A 552 13.43 -17.60 -5.87
C PHE A 552 14.87 -17.89 -5.54
N ASP A 553 15.61 -16.87 -5.13
CA ASP A 553 16.95 -17.09 -4.65
C ASP A 553 17.04 -16.81 -3.15
N CYS A 554 17.11 -17.88 -2.35
CA CYS A 554 17.20 -17.72 -0.89
C CYS A 554 18.41 -16.93 -0.43
N ARG A 555 19.50 -16.91 -1.21
CA ARG A 555 20.68 -16.18 -0.79
C ARG A 555 20.45 -14.65 -0.72
N ASP A 556 19.52 -14.17 -1.54
CA ASP A 556 19.15 -12.76 -1.50
C ASP A 556 18.50 -12.38 -0.17
N TYR A 557 17.76 -13.32 0.45
CA TYR A 557 17.27 -13.08 1.81
C TYR A 557 18.42 -12.98 2.79
N ALA A 558 19.44 -13.84 2.63
CA ALA A 558 20.58 -13.79 3.55
C ALA A 558 21.30 -12.44 3.58
N VAL A 559 21.50 -11.85 2.39
CA VAL A 559 22.10 -10.54 2.27
C VAL A 559 21.29 -9.46 3.00
N VAL A 560 19.98 -9.42 2.78
CA VAL A 560 19.22 -8.34 3.41
C VAL A 560 19.08 -8.54 4.91
N LEU A 561 19.04 -9.80 5.36
CA LEU A 561 18.90 -10.03 6.80
C LEU A 561 20.11 -9.48 7.53
N ARG A 562 21.29 -9.61 6.93
CA ARG A 562 22.48 -8.99 7.54
C ARG A 562 22.38 -7.46 7.57
N LYS A 563 21.98 -6.88 6.45
CA LYS A 563 21.75 -5.44 6.40
C LYS A 563 20.78 -4.97 7.51
N TYR A 564 19.65 -5.68 7.66
CA TYR A 564 18.65 -5.31 8.66
C TYR A 564 19.15 -5.51 10.07
N ALA A 565 19.95 -6.56 10.28
CA ALA A 565 20.54 -6.78 11.61
C ALA A 565 21.52 -5.66 11.98
N ASP A 566 22.42 -5.30 11.04
CA ASP A 566 23.28 -4.11 11.23
C ASP A 566 22.50 -2.85 11.57
N LYS A 567 21.38 -2.64 10.87
N LYS A 567 21.39 -2.65 10.87
CA LYS A 567 20.57 -1.44 11.03
CA LYS A 567 20.59 -1.44 11.04
C LYS A 567 19.96 -1.39 12.43
C LYS A 567 19.89 -1.37 12.39
N ILE A 568 19.36 -2.50 12.86
CA ILE A 568 18.70 -2.54 14.16
C ILE A 568 19.72 -2.45 15.31
N TYR A 569 20.84 -3.17 15.14
CA TYR A 569 21.95 -3.04 16.08
C TYR A 569 22.40 -1.58 16.25
N SER A 570 22.55 -0.88 15.11
N SER A 570 22.54 -0.86 15.12
CA SER A 570 23.00 0.52 15.14
CA SER A 570 23.02 0.53 15.16
C SER A 570 22.04 1.40 15.91
C SER A 570 22.02 1.50 15.78
N ILE A 571 20.73 1.15 15.75
CA ILE A 571 19.72 1.90 16.49
C ILE A 571 19.91 1.68 18.00
N SER A 572 20.10 0.43 18.40
CA SER A 572 20.27 0.10 19.81
C SER A 572 21.52 0.75 20.41
N MET A 573 22.57 0.78 19.61
CA MET A 573 23.90 1.27 20.02
C MET A 573 23.98 2.77 20.29
N LYS A 574 22.93 3.51 19.98
CA LYS A 574 22.74 4.88 20.47
C LYS A 574 22.49 4.93 22.00
N HIS A 575 22.29 3.76 22.62
CA HIS A 575 22.03 3.65 24.06
C HIS A 575 23.04 2.71 24.72
N PRO A 576 24.36 3.01 24.61
CA PRO A 576 25.36 2.06 25.09
C PRO A 576 25.26 1.80 26.59
N GLN A 577 24.94 2.83 27.39
CA GLN A 577 24.82 2.63 28.85
C GLN A 577 23.73 1.61 29.18
N GLU A 578 22.56 1.77 28.56
CA GLU A 578 21.47 0.84 28.79
C GLU A 578 21.78 -0.57 28.32
N MET A 579 22.49 -0.71 27.21
CA MET A 579 22.84 -2.04 26.70
C MET A 579 23.78 -2.73 27.69
N LYS A 580 24.67 -1.95 28.32
CA LYS A 580 25.51 -2.47 29.42
C LYS A 580 24.68 -2.86 30.66
N THR A 581 23.85 -1.94 31.17
CA THR A 581 23.05 -2.18 32.38
C THR A 581 22.18 -3.42 32.23
N TYR A 582 21.52 -3.54 31.08
CA TYR A 582 20.53 -4.61 30.91
C TYR A 582 21.02 -5.81 30.12
N SER A 583 22.33 -5.84 29.82
CA SER A 583 22.97 -6.97 29.14
C SER A 583 22.29 -7.28 27.80
N VAL A 584 22.12 -6.24 27.01
CA VAL A 584 21.36 -6.32 25.75
C VAL A 584 22.36 -6.72 24.67
N SER A 585 22.24 -7.95 24.20
CA SER A 585 23.15 -8.43 23.14
C SER A 585 22.40 -8.77 21.88
N PHE A 586 22.97 -8.39 20.74
CA PHE A 586 22.47 -8.84 19.42
C PHE A 586 23.20 -10.10 18.92
N ASP A 587 24.04 -10.72 19.77
CA ASP A 587 24.81 -11.88 19.29
C ASP A 587 23.98 -13.00 18.68
N SER A 588 22.84 -13.31 19.31
CA SER A 588 22.00 -14.40 18.79
C SER A 588 21.43 -14.09 17.41
N LEU A 589 21.05 -12.83 17.18
CA LEU A 589 20.53 -12.44 15.87
C LEU A 589 21.59 -12.55 14.78
N PHE A 590 22.78 -12.03 15.05
CA PHE A 590 23.88 -12.16 14.10
C PHE A 590 24.25 -13.62 13.85
N SER A 591 24.26 -14.43 14.91
CA SER A 591 24.45 -15.87 14.75
C SER A 591 23.42 -16.53 13.85
N ALA A 592 22.14 -16.21 14.05
CA ALA A 592 21.11 -16.77 13.20
C ALA A 592 21.26 -16.34 11.74
N VAL A 593 21.65 -15.09 11.54
CA VAL A 593 21.81 -14.52 10.18
C VAL A 593 23.00 -15.21 9.48
N LYS A 594 24.11 -15.36 10.22
CA LYS A 594 25.26 -16.15 9.75
C LYS A 594 24.88 -17.58 9.37
N ASN A 595 24.11 -18.26 10.22
CA ASN A 595 23.61 -19.57 9.93
C ASN A 595 22.70 -19.63 8.71
N PHE A 596 21.80 -18.62 8.58
CA PHE A 596 20.93 -18.56 7.44
C PHE A 596 21.80 -18.45 6.16
N THR A 597 22.81 -17.61 6.24
CA THR A 597 23.70 -17.35 5.08
C THR A 597 24.38 -18.66 4.65
N GLU A 598 24.90 -19.40 5.63
CA GLU A 598 25.58 -20.68 5.37
C GLU A 598 24.65 -21.75 4.83
N ILE A 599 23.47 -21.91 5.44
CA ILE A 599 22.52 -22.92 5.00
C ILE A 599 21.93 -22.59 3.63
N ALA A 600 21.64 -21.32 3.40
CA ALA A 600 21.13 -20.87 2.10
C ALA A 600 22.14 -21.16 0.99
N SER A 601 23.41 -20.91 1.28
CA SER A 601 24.48 -21.21 0.29
C SER A 601 24.49 -22.72 -0.06
N LYS A 602 24.45 -23.57 0.97
N LYS A 602 24.43 -23.57 0.96
CA LYS A 602 24.40 -25.01 0.74
CA LYS A 602 24.42 -25.02 0.73
C LYS A 602 23.16 -25.47 -0.01
C LYS A 602 23.14 -25.53 0.05
N PHE A 603 22.00 -24.90 0.34
CA PHE A 603 20.75 -25.23 -0.32
C PHE A 603 20.84 -24.89 -1.82
N SER A 604 21.42 -23.74 -2.12
N SER A 604 21.42 -23.73 -2.11
CA SER A 604 21.58 -23.28 -3.50
CA SER A 604 21.60 -23.25 -3.49
C SER A 604 22.43 -24.24 -4.32
C SER A 604 22.45 -24.22 -4.32
N GLU A 605 23.53 -24.71 -3.72
CA GLU A 605 24.39 -25.76 -4.33
C GLU A 605 23.59 -27.01 -4.66
N ARG A 606 22.75 -27.48 -3.72
CA ARG A 606 21.96 -28.68 -3.98
C ARG A 606 20.92 -28.43 -5.06
N LEU A 607 20.39 -27.21 -5.08
CA LEU A 607 19.37 -26.83 -6.06
C LEU A 607 19.92 -26.91 -7.49
N GLN A 608 21.19 -26.58 -7.66
CA GLN A 608 21.80 -26.77 -8.99
C GLN A 608 22.38 -28.17 -9.21
N ASP A 609 22.78 -28.84 -8.13
CA ASP A 609 23.42 -30.17 -8.19
C ASP A 609 22.49 -31.39 -8.22
N PHE A 610 21.19 -31.21 -7.97
CA PHE A 610 20.24 -32.33 -8.09
C PHE A 610 19.85 -32.50 -9.56
N ASN A 614 14.59 -36.17 -11.08
N ASN A 614 12.91 -36.22 -11.84
CA ASN A 614 13.80 -36.64 -9.93
CA ASN A 614 12.32 -36.91 -10.69
C ASN A 614 12.77 -35.60 -9.47
C ASN A 614 11.24 -36.05 -10.03
N PRO A 615 11.49 -35.84 -9.79
N PRO A 615 9.95 -36.36 -10.31
CA PRO A 615 10.46 -34.84 -9.55
CA PRO A 615 8.84 -35.50 -9.86
C PRO A 615 10.17 -34.66 -8.08
C PRO A 615 8.82 -35.26 -8.35
N ILE A 616 10.46 -35.68 -7.27
N ILE A 616 9.09 -36.28 -7.55
CA ILE A 616 10.21 -35.58 -5.83
CA ILE A 616 8.97 -36.08 -6.09
C ILE A 616 11.25 -34.69 -5.14
C ILE A 616 10.12 -35.30 -5.53
N VAL A 617 12.51 -34.87 -5.51
N VAL A 617 11.32 -35.51 -6.05
CA VAL A 617 13.57 -34.00 -5.01
CA VAL A 617 12.47 -34.74 -5.57
C VAL A 617 13.31 -32.58 -5.49
C VAL A 617 12.26 -33.29 -5.99
N LEU A 618 12.93 -32.45 -6.76
N LEU A 618 11.75 -33.09 -7.20
CA LEU A 618 12.55 -31.14 -7.28
CA LEU A 618 11.49 -31.74 -7.66
C LEU A 618 11.44 -30.49 -6.44
C LEU A 618 10.47 -31.09 -6.73
N ARG A 619 10.33 -31.20 -6.28
N ARG A 619 9.45 -31.84 -6.38
CA ARG A 619 9.15 -30.66 -5.61
CA ARG A 619 8.46 -31.30 -5.46
C ARG A 619 9.47 -30.47 -4.16
C ARG A 619 9.00 -30.83 -4.07
N MET A 620 10.06 -31.47 -3.53
CA MET A 620 10.67 -31.20 -2.19
C MET A 620 11.43 -29.88 -2.15
N MET A 621 12.26 -29.68 -3.17
N MET A 621 12.33 -29.62 -3.11
CA MET A 621 13.06 -28.49 -3.34
CA MET A 621 13.07 -28.35 -3.08
C MET A 621 12.19 -27.24 -3.51
C MET A 621 12.18 -27.16 -3.50
N ASN A 622 11.17 -27.38 -4.36
CA ASN A 622 10.21 -26.29 -4.67
C ASN A 622 9.40 -25.95 -3.43
N ASP A 623 9.01 -26.97 -2.67
CA ASP A 623 8.32 -26.74 -1.37
C ASP A 623 9.21 -26.00 -0.38
N GLN A 624 10.50 -26.32 -0.32
CA GLN A 624 11.41 -25.59 0.54
C GLN A 624 11.47 -24.12 0.10
N LEU A 625 11.46 -23.90 -1.22
CA LEU A 625 11.47 -22.52 -1.74
C LEU A 625 10.17 -21.78 -1.42
N MET A 626 9.06 -22.46 -1.62
CA MET A 626 7.72 -21.88 -1.39
C MET A 626 7.51 -21.59 0.09
N PHE A 627 7.92 -22.54 0.93
CA PHE A 627 7.70 -22.32 2.37
C PHE A 627 8.73 -21.45 3.07
N LEU A 628 9.74 -20.94 2.36
CA LEU A 628 10.74 -20.10 2.99
C LEU A 628 10.13 -18.75 3.45
N GLU A 629 9.39 -18.07 2.58
CA GLU A 629 8.68 -16.87 3.03
C GLU A 629 7.75 -17.20 4.22
N ARG A 630 7.11 -18.37 4.12
CA ARG A 630 6.18 -18.83 5.14
C ARG A 630 6.86 -18.98 6.48
N ALA A 631 8.16 -19.34 6.47
CA ALA A 631 8.86 -19.57 7.72
C ALA A 631 9.04 -18.32 8.55
N PHE A 632 8.94 -17.12 7.94
CA PHE A 632 9.13 -15.89 8.72
C PHE A 632 7.87 -15.47 9.47
N ILE A 633 6.80 -16.22 9.31
CA ILE A 633 5.53 -15.96 10.01
C ILE A 633 5.61 -16.45 11.46
N ASP A 634 5.19 -15.62 12.39
CA ASP A 634 5.05 -16.03 13.79
C ASP A 634 3.55 -16.09 14.05
N PRO A 635 3.01 -17.27 14.44
CA PRO A 635 1.56 -17.39 14.59
C PRO A 635 1.02 -16.45 15.71
N LEU A 636 1.89 -16.03 16.61
CA LEU A 636 1.45 -15.13 17.69
C LEU A 636 1.35 -13.67 17.24
N GLY A 637 1.86 -13.35 16.04
CA GLY A 637 1.83 -11.97 15.55
C GLY A 637 2.80 -11.04 16.26
N LEU A 638 2.80 -9.78 15.88
CA LEU A 638 3.58 -8.78 16.57
C LEU A 638 2.78 -8.13 17.69
N PRO A 639 3.45 -7.48 18.66
CA PRO A 639 2.72 -6.95 19.83
C PRO A 639 1.54 -6.06 19.47
N ASP A 640 0.35 -6.46 19.94
CA ASP A 640 -0.92 -5.73 19.71
C ASP A 640 -1.30 -5.60 18.23
N ARG A 641 -0.61 -6.33 17.35
CA ARG A 641 -0.92 -6.33 15.91
C ARG A 641 -0.91 -7.82 15.43
N PRO A 642 -1.95 -8.56 15.82
CA PRO A 642 -1.99 -10.00 15.58
C PRO A 642 -2.00 -10.40 14.11
N PHE A 643 -2.38 -9.49 13.21
CA PHE A 643 -2.43 -9.82 11.79
C PHE A 643 -1.18 -9.43 11.03
N TYR A 644 -0.22 -8.84 11.75
CA TYR A 644 1.11 -8.61 11.18
C TYR A 644 1.98 -9.70 11.80
N ARG A 645 2.17 -10.76 11.04
N ARG A 645 2.15 -10.77 11.04
CA ARG A 645 2.80 -11.94 11.60
CA ARG A 645 2.77 -11.99 11.57
C ARG A 645 4.24 -12.15 11.11
C ARG A 645 4.18 -12.27 11.01
N HIS A 646 4.59 -11.49 10.00
CA HIS A 646 5.93 -11.65 9.42
C HIS A 646 6.92 -10.95 10.37
N VAL A 647 7.99 -11.64 10.73
CA VAL A 647 8.92 -11.15 11.75
C VAL A 647 9.97 -10.21 11.10
N ILE A 648 10.15 -10.35 9.80
CA ILE A 648 11.17 -9.51 9.13
C ILE A 648 10.58 -8.17 8.67
N TYR A 649 9.35 -8.20 8.17
CA TYR A 649 8.74 -7.01 7.57
C TYR A 649 7.35 -6.76 8.13
N ALA A 650 7.11 -5.52 8.59
CA ALA A 650 5.74 -5.11 8.91
C ALA A 650 5.57 -3.67 8.42
N PRO A 651 4.34 -3.24 8.19
CA PRO A 651 4.14 -1.80 7.92
C PRO A 651 4.58 -1.02 9.13
N SER A 652 5.23 0.11 8.88
CA SER A 652 5.67 0.97 9.98
C SER A 652 4.52 1.38 10.88
N SER A 653 4.73 1.33 12.19
CA SER A 653 3.71 1.74 13.16
C SER A 653 3.43 3.25 13.05
N HIS A 654 4.30 3.95 12.33
CA HIS A 654 4.19 5.42 12.14
C HIS A 654 3.74 5.80 10.76
N ASN A 655 3.67 4.83 9.86
CA ASN A 655 3.37 5.11 8.46
C ASN A 655 3.08 3.80 7.77
N LYS A 656 1.80 3.45 7.66
CA LYS A 656 1.39 2.19 7.03
C LYS A 656 1.99 1.96 5.64
N TYR A 657 2.30 3.04 4.91
CA TYR A 657 2.84 2.87 3.56
C TYR A 657 4.27 2.35 3.56
N ALA A 658 5.00 2.61 4.64
CA ALA A 658 6.44 2.31 4.70
C ALA A 658 6.69 0.90 5.27
N GLY A 659 7.60 0.16 4.67
CA GLY A 659 7.99 -1.13 5.29
C GLY A 659 9.01 -0.88 6.38
N GLU A 660 8.89 -1.59 7.51
CA GLU A 660 9.90 -1.57 8.56
C GLU A 660 10.53 -2.97 8.69
N SER A 661 11.85 -3.03 8.82
CA SER A 661 12.50 -4.31 9.01
C SER A 661 12.72 -4.57 10.50
N PHE A 662 12.75 -5.86 10.85
CA PHE A 662 12.72 -6.28 12.27
C PHE A 662 11.80 -5.39 13.10
N PRO A 663 10.52 -5.32 12.70
CA PRO A 663 9.59 -4.38 13.28
C PRO A 663 9.40 -4.57 14.78
N GLY A 664 9.46 -5.81 15.25
CA GLY A 664 9.25 -6.07 16.70
C GLY A 664 10.35 -5.38 17.49
N ILE A 665 11.60 -5.57 17.06
CA ILE A 665 12.72 -4.90 17.76
C ILE A 665 12.67 -3.38 17.52
N TYR A 666 12.38 -2.96 16.29
CA TYR A 666 12.30 -1.55 15.98
C TYR A 666 11.31 -0.84 16.91
N ASP A 667 10.07 -1.33 17.00
CA ASP A 667 9.12 -0.70 17.91
C ASP A 667 9.51 -0.76 19.37
N ALA A 668 10.18 -1.84 19.79
CA ALA A 668 10.63 -1.92 21.18
C ALA A 668 11.69 -0.84 21.48
N LEU A 669 12.50 -0.50 20.48
CA LEU A 669 13.53 0.54 20.65
C LEU A 669 13.03 1.96 20.46
N PHE A 670 11.90 2.10 19.77
CA PHE A 670 11.47 3.43 19.36
C PHE A 670 11.14 4.30 20.57
N ASP A 671 11.77 5.48 20.62
CA ASP A 671 11.53 6.47 21.70
C ASP A 671 11.74 5.85 23.10
N ILE A 672 12.65 4.87 23.20
CA ILE A 672 12.83 4.12 24.44
C ILE A 672 13.36 4.99 25.58
N GLU A 673 14.14 6.02 25.22
CA GLU A 673 14.65 6.97 26.23
C GLU A 673 13.55 7.71 26.99
N SER A 674 12.32 7.70 26.46
N SER A 674 12.33 7.70 26.46
CA SER A 674 11.17 8.35 27.09
CA SER A 674 11.18 8.36 27.11
C SER A 674 10.32 7.43 27.95
C SER A 674 10.42 7.45 28.06
N LYS A 675 10.66 6.13 28.01
CA LYS A 675 9.89 5.17 28.81
C LYS A 675 10.19 5.29 30.31
N VAL A 676 9.13 5.28 31.10
N VAL A 676 9.14 5.26 31.14
CA VAL A 676 9.18 5.47 32.56
CA VAL A 676 9.26 5.49 32.59
C VAL A 676 10.01 4.35 33.24
C VAL A 676 9.76 4.27 33.40
N ASP A 677 9.85 3.12 32.74
CA ASP A 677 10.47 1.93 33.32
C ASP A 677 11.49 1.36 32.32
N PRO A 678 12.76 1.80 32.39
CA PRO A 678 13.73 1.30 31.42
C PRO A 678 14.00 -0.20 31.52
N SER A 679 13.93 -0.78 32.71
CA SER A 679 14.14 -2.22 32.90
C SER A 679 13.14 -3.04 32.07
N LYS A 680 11.88 -2.66 32.18
CA LYS A 680 10.81 -3.31 31.45
C LYS A 680 10.97 -3.06 29.94
N ALA A 681 11.30 -1.83 29.58
CA ALA A 681 11.45 -1.48 28.16
C ALA A 681 12.61 -2.23 27.49
N TRP A 682 13.76 -2.28 28.15
CA TRP A 682 14.91 -3.01 27.59
C TRP A 682 14.71 -4.52 27.66
N GLY A 683 13.95 -4.99 28.65
CA GLY A 683 13.55 -6.40 28.73
C GLY A 683 12.76 -6.78 27.48
N GLU A 684 11.89 -5.89 27.03
CA GLU A 684 11.12 -6.14 25.81
C GLU A 684 11.98 -6.07 24.56
N VAL A 685 12.97 -5.17 24.52
CA VAL A 685 13.95 -5.20 23.42
C VAL A 685 14.60 -6.58 23.34
N LYS A 686 15.04 -7.10 24.49
CA LYS A 686 15.69 -8.43 24.53
C LYS A 686 14.73 -9.53 24.09
N ARG A 687 13.47 -9.45 24.53
CA ARG A 687 12.49 -10.43 24.10
C ARG A 687 12.34 -10.43 22.56
N GLN A 688 12.28 -9.24 21.97
CA GLN A 688 12.16 -9.14 20.53
C GLN A 688 13.41 -9.62 19.78
N ILE A 689 14.59 -9.38 20.36
CA ILE A 689 15.81 -9.94 19.77
C ILE A 689 15.74 -11.46 19.73
N TYR A 690 15.34 -12.06 20.85
CA TYR A 690 15.12 -13.52 20.94
C TYR A 690 14.15 -14.04 19.88
N VAL A 691 12.99 -13.40 19.77
CA VAL A 691 12.00 -13.83 18.78
C VAL A 691 12.56 -13.73 17.35
N ALA A 692 13.24 -12.63 17.05
CA ALA A 692 13.82 -12.42 15.72
C ALA A 692 14.92 -13.45 15.43
N ALA A 693 15.82 -13.67 16.39
CA ALA A 693 16.91 -14.65 16.20
C ALA A 693 16.36 -16.06 16.01
N PHE A 694 15.38 -16.42 16.85
CA PHE A 694 14.76 -17.70 16.71
C PHE A 694 14.10 -17.87 15.34
N THR A 695 13.36 -16.85 14.90
CA THR A 695 12.63 -16.97 13.65
C THR A 695 13.58 -17.10 12.47
N VAL A 696 14.68 -16.34 12.49
CA VAL A 696 15.67 -16.41 11.41
C VAL A 696 16.30 -17.80 11.38
N GLN A 697 16.68 -18.31 12.56
CA GLN A 697 17.24 -19.65 12.63
C GLN A 697 16.24 -20.72 12.15
N ALA A 698 14.98 -20.58 12.54
CA ALA A 698 13.97 -21.55 12.17
C ALA A 698 13.76 -21.52 10.67
N ALA A 699 13.75 -20.32 10.09
CA ALA A 699 13.62 -20.19 8.64
C ALA A 699 14.82 -20.82 7.94
N ALA A 700 16.02 -20.55 8.44
CA ALA A 700 17.21 -21.21 7.90
C ALA A 700 17.09 -22.72 7.88
N GLU A 701 16.62 -23.29 9.00
CA GLU A 701 16.51 -24.72 9.14
C GLU A 701 15.51 -25.37 8.20
N THR A 702 14.59 -24.58 7.62
CA THR A 702 13.68 -25.14 6.61
C THR A 702 14.42 -25.43 5.29
N LEU A 703 15.60 -24.85 5.15
CA LEU A 703 16.44 -25.04 3.95
C LEU A 703 17.53 -26.08 4.17
N SER A 704 17.69 -26.54 5.41
CA SER A 704 18.59 -27.68 5.68
C SER A 704 18.10 -28.95 4.97
N GLU A 705 18.98 -29.95 4.81
CA GLU A 705 18.48 -31.25 4.36
C GLU A 705 17.35 -31.73 5.27
N VAL A 706 16.34 -32.34 4.68
CA VAL A 706 15.04 -32.57 5.35
C VAL A 706 15.11 -33.76 6.32
N ALA A 707 16.14 -34.60 6.16
CA ALA A 707 16.27 -35.85 6.94
C ALA A 707 17.63 -36.46 6.64
#